data_6VVI
#
_entry.id   6VVI
#
_cell.length_a   95.468
_cell.length_b   98.100
_cell.length_c   176.866
_cell.angle_alpha   90.000
_cell.angle_beta   90.000
_cell.angle_gamma   90.000
#
_symmetry.space_group_name_H-M   'P 21 21 21'
#
loop_
_entity.id
_entity.type
_entity.pdbx_description
1 polymer '4-hydroxy-tetrahydrodipicolinate synthase 1, chloroplastic'
2 non-polymer GLYCEROL
3 non-polymer 'SODIUM ION'
4 non-polymer 'SULFATE ION'
5 water water
#
_entity_poly.entity_id   1
_entity_poly.type   'polypeptide(L)'
_entity_poly.pdbx_seq_one_letter_code
;GPGSMRSLEDKNRTNTDDIRSLRVITAIKTPYLPDGRFDLQAYDDLVNTQIENGAEGVIVGGTTGEGQLMSWDEHIMLIG
HTVNCFGGRIKVIGNTGSNSTREAIHATEQGFAMGMHGALHINPYYGKTSIEGMNAHFQTVLHMGPTIIYNVPGRTCQDI
PPQVIFKLSQNPNMAGVKECVGNNRVEEYTEKGIVVWSGNDDQCHDSRWDHGATGVISVTSNLVPGLMRKLMFEGRNSAL
NAKLLPLMDWLFQEPNPIGVNTALAQLGVARPVFRLPYVPLPLSKRIEFVKLVKEIGREHFVGDRDVQVLDDDDFILIGR
Y
;
_entity_poly.pdbx_strand_id   AAA,BBB,CCC,DDD
#
# COMPACT_ATOMS: atom_id res chain seq x y z
N THR A 14 0.72 -35.34 -4.84
CA THR A 14 1.98 -35.39 -4.05
C THR A 14 1.85 -34.46 -2.84
N ASN A 15 1.73 -33.16 -3.10
CA ASN A 15 1.68 -32.05 -2.09
C ASN A 15 0.27 -31.97 -1.46
N THR A 16 -0.75 -32.17 -2.31
CA THR A 16 -2.20 -32.12 -1.99
C THR A 16 -2.58 -33.28 -1.06
N ASP A 17 -1.94 -34.44 -1.18
CA ASP A 17 -2.25 -35.63 -0.34
C ASP A 17 -1.87 -35.36 1.13
N ASP A 18 -0.86 -34.53 1.37
CA ASP A 18 -0.37 -34.18 2.74
C ASP A 18 -1.42 -33.36 3.47
N ILE A 19 -2.13 -32.49 2.76
CA ILE A 19 -3.20 -31.61 3.32
C ILE A 19 -4.45 -32.46 3.58
N ARG A 20 -4.77 -33.39 2.68
CA ARG A 20 -5.99 -34.25 2.73
C ARG A 20 -5.99 -35.18 3.95
N SER A 21 -4.83 -35.49 4.52
CA SER A 21 -4.66 -36.40 5.69
C SER A 21 -4.89 -35.66 7.02
N LEU A 22 -4.74 -34.33 7.05
CA LEU A 22 -4.79 -33.53 8.31
C LEU A 22 -6.17 -33.66 8.95
N ARG A 23 -6.24 -33.90 10.26
CA ARG A 23 -7.51 -34.04 11.03
C ARG A 23 -7.75 -32.83 11.95
N VAL A 24 -6.69 -32.23 12.49
CA VAL A 24 -6.77 -31.05 13.40
C VAL A 24 -6.02 -29.88 12.76
N ILE A 25 -6.77 -28.90 12.26
CA ILE A 25 -6.22 -27.64 11.71
C ILE A 25 -6.74 -26.52 12.60
N THR A 26 -5.84 -25.78 13.24
CA THR A 26 -6.22 -24.67 14.13
C THR A 26 -6.29 -23.39 13.32
N ALA A 27 -7.46 -22.75 13.33
CA ALA A 27 -7.64 -21.34 12.90
C ALA A 27 -7.05 -20.45 13.99
N ILE A 28 -5.74 -20.22 13.93
CA ILE A 28 -4.93 -19.64 15.05
C ILE A 28 -5.28 -18.16 15.22
N LYS A 29 -5.40 -17.74 16.48
CA LYS A 29 -5.64 -16.34 16.88
C LYS A 29 -4.36 -15.54 16.63
N THR A 30 -4.51 -14.27 16.20
CA THR A 30 -3.40 -13.28 16.09
C THR A 30 -3.41 -12.39 17.34
N PRO A 31 -2.42 -12.52 18.25
CA PRO A 31 -2.34 -11.67 19.43
C PRO A 31 -1.59 -10.37 19.15
N TYR A 32 -1.90 -9.32 19.93
CA TYR A 32 -1.46 -7.92 19.69
C TYR A 32 -0.69 -7.37 20.89
N LEU A 33 0.29 -6.52 20.61
CA LEU A 33 0.89 -5.60 21.60
C LEU A 33 -0.14 -4.51 21.88
N PRO A 34 0.01 -3.72 22.98
CA PRO A 34 -0.96 -2.68 23.30
C PRO A 34 -1.11 -1.54 22.28
N ASP A 35 -0.15 -1.29 21.41
CA ASP A 35 -0.27 -0.29 20.30
C ASP A 35 -0.99 -0.89 19.09
N GLY A 36 -1.36 -2.17 19.10
CA GLY A 36 -2.15 -2.78 18.01
C GLY A 36 -1.33 -3.59 17.01
N ARG A 37 -0.01 -3.45 17.02
CA ARG A 37 0.91 -4.27 16.19
C ARG A 37 0.82 -5.73 16.66
N PHE A 38 1.32 -6.66 15.84
CA PHE A 38 1.35 -8.10 16.18
C PHE A 38 2.31 -8.32 17.35
N ASP A 39 1.92 -9.21 18.25
CA ASP A 39 2.77 -9.77 19.34
C ASP A 39 3.31 -11.10 18.84
N LEU A 40 4.47 -11.09 18.17
CA LEU A 40 5.04 -12.28 17.46
C LEU A 40 5.52 -13.31 18.49
N GLN A 41 6.15 -12.85 19.56
CA GLN A 41 6.53 -13.68 20.73
C GLN A 41 5.31 -14.51 21.18
N ALA A 42 4.20 -13.84 21.47
CA ALA A 42 2.95 -14.50 21.94
C ALA A 42 2.40 -15.40 20.83
N TYR A 43 2.46 -14.96 19.57
CA TYR A 43 1.98 -15.78 18.43
C TYR A 43 2.74 -17.09 18.39
N ASP A 44 4.07 -17.01 18.44
CA ASP A 44 5.01 -18.17 18.36
C ASP A 44 4.71 -19.13 19.52
N ASP A 45 4.55 -18.60 20.75
CA ASP A 45 4.14 -19.41 21.93
C ASP A 45 2.81 -20.13 21.65
N LEU A 46 1.80 -19.45 21.11
CA LEU A 46 0.52 -20.13 20.78
C LEU A 46 0.76 -21.26 19.76
N VAL A 47 1.56 -21.03 18.71
CA VAL A 47 1.76 -22.06 17.65
C VAL A 47 2.57 -23.24 18.22
N ASN A 48 3.60 -23.01 19.05
CA ASN A 48 4.40 -24.06 19.73
C ASN A 48 3.49 -24.97 20.56
N THR A 49 2.55 -24.40 21.33
CA THR A 49 1.54 -25.15 22.12
C THR A 49 0.65 -25.99 21.21
N GLN A 50 0.15 -25.43 20.10
CA GLN A 50 -0.68 -26.20 19.15
C GLN A 50 0.10 -27.44 18.72
N ILE A 51 1.38 -27.27 18.37
CA ILE A 51 2.23 -28.37 17.84
C ILE A 51 2.43 -29.42 18.95
N GLU A 52 2.88 -28.99 20.13
CA GLU A 52 3.07 -29.86 21.32
C GLU A 52 1.80 -30.67 21.60
N ASN A 53 0.60 -30.16 21.29
CA ASN A 53 -0.67 -30.81 21.68
C ASN A 53 -1.37 -31.47 20.47
N GLY A 54 -0.66 -31.66 19.36
CA GLY A 54 -1.06 -32.55 18.26
C GLY A 54 -1.80 -31.86 17.12
N ALA A 55 -1.82 -30.52 17.07
CA ALA A 55 -2.38 -29.78 15.92
C ALA A 55 -1.50 -30.08 14.70
N GLU A 56 -2.08 -30.49 13.57
CA GLU A 56 -1.35 -30.93 12.35
C GLU A 56 -1.27 -29.83 11.30
N GLY A 57 -2.15 -28.82 11.36
CA GLY A 57 -2.05 -27.62 10.50
C GLY A 57 -2.49 -26.38 11.25
N VAL A 58 -2.12 -25.20 10.74
CA VAL A 58 -2.63 -23.86 11.14
C VAL A 58 -3.19 -23.15 9.91
N ILE A 59 -4.35 -22.49 10.05
CA ILE A 59 -4.79 -21.42 9.11
C ILE A 59 -4.16 -20.12 9.60
N VAL A 60 -3.44 -19.41 8.72
CA VAL A 60 -2.80 -18.12 9.09
C VAL A 60 -3.64 -17.00 8.50
N GLY A 61 -4.11 -16.10 9.36
CA GLY A 61 -4.92 -14.92 8.97
C GLY A 61 -6.24 -15.32 8.36
N GLY A 62 -6.91 -16.33 8.93
CA GLY A 62 -8.34 -16.58 8.66
C GLY A 62 -9.19 -15.61 9.46
N THR A 63 -10.50 -15.85 9.49
CA THR A 63 -11.53 -15.06 10.23
C THR A 63 -11.13 -15.03 11.72
N THR A 64 -10.83 -16.18 12.30
CA THR A 64 -10.37 -16.32 13.70
C THR A 64 -9.08 -15.53 13.91
N GLY A 65 -8.23 -15.46 12.88
CA GLY A 65 -6.92 -14.78 12.90
C GLY A 65 -7.04 -13.30 12.54
N GLU A 66 -8.24 -12.83 12.19
CA GLU A 66 -8.56 -11.40 11.91
C GLU A 66 -7.78 -10.95 10.68
N GLY A 67 -7.72 -11.82 9.66
CA GLY A 67 -7.12 -11.55 8.35
C GLY A 67 -7.65 -10.27 7.74
N GLN A 68 -8.96 -10.03 7.86
CA GLN A 68 -9.65 -8.86 7.26
C GLN A 68 -9.11 -7.54 7.86
N LEU A 69 -8.53 -7.56 9.06
CA LEU A 69 -8.05 -6.34 9.78
C LEU A 69 -6.56 -6.14 9.51
N MET A 70 -5.91 -7.08 8.83
CA MET A 70 -4.45 -7.00 8.58
C MET A 70 -4.18 -6.11 7.38
N SER A 71 -3.09 -5.36 7.43
CA SER A 71 -2.44 -4.80 6.22
C SER A 71 -1.91 -5.98 5.40
N TRP A 72 -1.81 -5.77 4.10
CA TRP A 72 -1.22 -6.73 3.13
C TRP A 72 0.14 -7.21 3.64
N ASP A 73 1.04 -6.28 3.98
CA ASP A 73 2.44 -6.64 4.31
C ASP A 73 2.46 -7.44 5.61
N GLU A 74 1.54 -7.21 6.55
CA GLU A 74 1.60 -7.93 7.86
C GLU A 74 1.00 -9.33 7.66
N HIS A 75 0.03 -9.52 6.76
CA HIS A 75 -0.56 -10.84 6.45
C HIS A 75 0.52 -11.71 5.78
N ILE A 76 1.12 -11.20 4.72
CA ILE A 76 2.17 -11.92 3.95
C ILE A 76 3.35 -12.19 4.88
N MET A 77 3.76 -11.23 5.70
CA MET A 77 4.86 -11.41 6.70
C MET A 77 4.52 -12.54 7.67
N LEU A 78 3.28 -12.59 8.15
CA LEU A 78 2.88 -13.57 9.20
C LEU A 78 2.97 -14.97 8.62
N ILE A 79 2.52 -15.16 7.36
CA ILE A 79 2.56 -16.46 6.62
C ILE A 79 4.03 -16.89 6.48
N GLY A 80 4.87 -15.98 5.99
CA GLY A 80 6.31 -16.24 5.80
C GLY A 80 7.00 -16.56 7.10
N HIS A 81 6.72 -15.79 8.16
CA HIS A 81 7.25 -16.00 9.53
C HIS A 81 6.87 -17.41 10.02
N THR A 82 5.61 -17.78 9.86
CA THR A 82 5.09 -19.09 10.32
C THR A 82 5.80 -20.21 9.56
N VAL A 83 5.92 -20.11 8.22
CA VAL A 83 6.64 -21.14 7.42
C VAL A 83 8.09 -21.26 7.92
N ASN A 84 8.78 -20.14 8.06
CA ASN A 84 10.21 -20.10 8.47
C ASN A 84 10.37 -20.75 9.85
N CYS A 85 9.48 -20.47 10.80
CA CYS A 85 9.64 -20.87 12.23
C CYS A 85 9.06 -22.27 12.46
N PHE A 86 8.04 -22.71 11.71
CA PHE A 86 7.22 -23.90 12.07
C PHE A 86 6.94 -24.80 10.87
N GLY A 87 7.35 -24.40 9.65
CA GLY A 87 6.96 -25.10 8.41
C GLY A 87 7.39 -26.56 8.40
N GLY A 88 8.41 -26.90 9.19
CA GLY A 88 8.95 -28.26 9.32
C GLY A 88 8.15 -29.12 10.29
N ARG A 89 7.32 -28.51 11.15
CA ARG A 89 6.68 -29.23 12.28
CA ARG A 89 6.67 -29.19 12.30
C ARG A 89 5.15 -29.25 12.11
N ILE A 90 4.61 -28.48 11.17
CA ILE A 90 3.13 -28.30 10.99
C ILE A 90 2.86 -27.79 9.58
N LYS A 91 1.74 -28.18 8.96
CA LYS A 91 1.36 -27.64 7.63
C LYS A 91 0.82 -26.21 7.82
N VAL A 92 1.35 -25.27 7.03
CA VAL A 92 0.93 -23.83 7.07
C VAL A 92 0.04 -23.53 5.87
N ILE A 93 -1.23 -23.23 6.15
CA ILE A 93 -2.27 -22.92 5.13
C ILE A 93 -2.59 -21.43 5.27
N GLY A 94 -2.24 -20.65 4.24
CA GLY A 94 -2.48 -19.21 4.18
C GLY A 94 -3.92 -18.95 3.82
N ASN A 95 -4.63 -18.13 4.60
CA ASN A 95 -5.93 -17.62 4.15
C ASN A 95 -5.66 -16.45 3.20
N THR A 96 -5.59 -16.74 1.90
CA THR A 96 -5.19 -15.79 0.85
C THR A 96 -6.40 -15.49 -0.06
N GLY A 97 -7.60 -15.91 0.35
CA GLY A 97 -8.83 -15.67 -0.44
C GLY A 97 -9.31 -14.24 -0.25
N SER A 98 -10.17 -13.74 -1.13
CA SER A 98 -10.66 -12.33 -1.07
C SER A 98 -11.93 -12.23 -1.89
N ASN A 99 -12.71 -11.17 -1.66
CA ASN A 99 -13.86 -10.85 -2.54
C ASN A 99 -13.30 -10.20 -3.81
N SER A 100 -12.03 -9.80 -3.82
CA SER A 100 -11.34 -9.22 -5.01
C SER A 100 -10.42 -10.26 -5.63
N THR A 101 -10.67 -10.63 -6.89
CA THR A 101 -9.84 -11.60 -7.67
C THR A 101 -8.38 -11.13 -7.71
N ARG A 102 -8.14 -9.85 -7.93
CA ARG A 102 -6.77 -9.27 -7.93
C ARG A 102 -6.07 -9.59 -6.62
N GLU A 103 -6.71 -9.32 -5.48
CA GLU A 103 -6.11 -9.56 -4.15
C GLU A 103 -5.90 -11.07 -3.96
N ALA A 104 -6.85 -11.91 -4.36
CA ALA A 104 -6.73 -13.38 -4.19
C ALA A 104 -5.51 -13.90 -4.96
N ILE A 105 -5.34 -13.45 -6.22
CA ILE A 105 -4.21 -13.80 -7.12
C ILE A 105 -2.88 -13.42 -6.45
N HIS A 106 -2.72 -12.15 -6.06
CA HIS A 106 -1.42 -11.62 -5.55
C HIS A 106 -1.07 -12.26 -4.21
N ALA A 107 -2.03 -12.36 -3.28
CA ALA A 107 -1.80 -12.94 -1.94
C ALA A 107 -1.47 -14.44 -2.08
N THR A 108 -2.18 -15.16 -2.94
CA THR A 108 -2.01 -16.63 -3.11
C THR A 108 -0.62 -16.88 -3.71
N GLU A 109 -0.21 -16.15 -4.76
CA GLU A 109 1.08 -16.43 -5.44
C GLU A 109 2.22 -16.04 -4.49
N GLN A 110 2.06 -14.98 -3.69
CA GLN A 110 3.09 -14.55 -2.72
C GLN A 110 3.16 -15.53 -1.55
N GLY A 111 2.02 -15.99 -1.04
CA GLY A 111 1.96 -17.02 0.01
C GLY A 111 2.73 -18.27 -0.39
N PHE A 112 2.48 -18.80 -1.58
CA PHE A 112 3.14 -20.03 -2.12
C PHE A 112 4.64 -19.80 -2.37
N ALA A 113 5.05 -18.63 -2.83
CA ALA A 113 6.47 -18.26 -3.05
C ALA A 113 7.24 -18.30 -1.73
N MET A 114 6.56 -17.99 -0.61
CA MET A 114 7.18 -17.98 0.74
C MET A 114 7.10 -19.36 1.38
N GLY A 115 6.43 -20.32 0.74
CA GLY A 115 6.55 -21.75 1.08
C GLY A 115 5.39 -22.26 1.89
N MET A 116 4.25 -21.58 1.89
CA MET A 116 3.05 -22.11 2.56
C MET A 116 2.62 -23.38 1.81
N HIS A 117 2.05 -24.35 2.53
CA HIS A 117 1.72 -25.71 2.00
C HIS A 117 0.40 -25.71 1.23
N GLY A 118 -0.50 -24.78 1.56
CA GLY A 118 -1.86 -24.71 1.00
C GLY A 118 -2.45 -23.32 1.14
N ALA A 119 -3.58 -23.08 0.47
CA ALA A 119 -4.33 -21.81 0.51
C ALA A 119 -5.78 -22.12 0.87
N LEU A 120 -6.39 -21.28 1.69
CA LEU A 120 -7.84 -21.34 1.99
C LEU A 120 -8.52 -20.26 1.15
N HIS A 121 -9.51 -20.64 0.34
CA HIS A 121 -10.19 -19.73 -0.62
C HIS A 121 -11.70 -19.72 -0.39
N ILE A 122 -12.21 -18.60 0.08
CA ILE A 122 -13.67 -18.32 0.22
C ILE A 122 -14.21 -17.85 -1.14
N ASN A 123 -15.50 -18.03 -1.38
CA ASN A 123 -16.21 -17.37 -2.50
C ASN A 123 -16.36 -15.88 -2.17
N PRO A 124 -16.40 -14.99 -3.18
CA PRO A 124 -16.53 -13.56 -2.92
C PRO A 124 -17.74 -13.20 -2.05
N TYR A 125 -17.48 -12.54 -0.92
CA TYR A 125 -18.47 -12.04 0.07
C TYR A 125 -18.68 -10.54 -0.17
N TYR A 126 -19.86 -10.05 0.23
CA TYR A 126 -20.30 -8.62 0.20
C TYR A 126 -20.49 -8.20 -1.25
N GLY A 127 -19.42 -8.15 -2.03
CA GLY A 127 -19.48 -8.05 -3.49
C GLY A 127 -19.64 -9.42 -4.11
N LYS A 128 -20.77 -10.07 -3.86
CA LYS A 128 -20.99 -11.46 -4.31
C LYS A 128 -21.25 -11.43 -5.81
N THR A 129 -20.98 -12.55 -6.49
CA THR A 129 -21.01 -12.68 -7.96
C THR A 129 -21.88 -13.88 -8.36
N SER A 130 -22.08 -14.03 -9.67
CA SER A 130 -22.80 -15.14 -10.32
C SER A 130 -21.99 -16.43 -10.14
N ILE A 131 -22.62 -17.58 -10.39
CA ILE A 131 -21.93 -18.90 -10.41
C ILE A 131 -20.78 -18.83 -11.43
N GLU A 132 -20.99 -18.24 -12.61
CA GLU A 132 -19.95 -18.14 -13.67
C GLU A 132 -18.78 -17.29 -13.15
N GLY A 133 -19.09 -16.14 -12.51
CA GLY A 133 -18.10 -15.27 -11.87
C GLY A 133 -17.33 -15.98 -10.78
N MET A 134 -18.00 -16.82 -10.00
CA MET A 134 -17.40 -17.58 -8.89
C MET A 134 -16.38 -18.59 -9.44
N ASN A 135 -16.76 -19.31 -10.51
CA ASN A 135 -15.87 -20.27 -11.23
C ASN A 135 -14.68 -19.51 -11.82
N ALA A 136 -14.90 -18.37 -12.48
CA ALA A 136 -13.80 -17.56 -13.03
C ALA A 136 -12.83 -17.21 -11.89
N HIS A 137 -13.35 -16.78 -10.73
CA HIS A 137 -12.55 -16.34 -9.57
C HIS A 137 -11.64 -17.49 -9.09
N PHE A 138 -12.21 -18.66 -8.80
CA PHE A 138 -11.47 -19.84 -8.28
C PHE A 138 -10.41 -20.32 -9.29
N GLN A 139 -10.69 -20.25 -10.59
CA GLN A 139 -9.76 -20.72 -11.66
C GLN A 139 -8.48 -19.87 -11.68
N THR A 140 -8.55 -18.59 -11.30
CA THR A 140 -7.35 -17.72 -11.30
C THR A 140 -6.36 -18.19 -10.21
N VAL A 141 -6.81 -18.96 -9.20
CA VAL A 141 -5.94 -19.32 -8.03
C VAL A 141 -5.79 -20.85 -7.88
N LEU A 142 -6.67 -21.67 -8.47
CA LEU A 142 -6.58 -23.14 -8.27
C LEU A 142 -5.27 -23.68 -8.83
N HIS A 143 -4.72 -23.08 -9.89
CA HIS A 143 -3.49 -23.57 -10.57
C HIS A 143 -2.24 -23.32 -9.72
N MET A 144 -2.30 -22.48 -8.67
CA MET A 144 -1.09 -22.01 -7.92
C MET A 144 -0.63 -23.03 -6.86
N GLY A 145 -1.52 -23.89 -6.37
CA GLY A 145 -1.12 -24.91 -5.38
C GLY A 145 -2.33 -25.54 -4.70
N PRO A 146 -2.09 -26.40 -3.68
CA PRO A 146 -3.17 -27.09 -2.97
C PRO A 146 -4.14 -26.09 -2.31
N THR A 147 -5.43 -26.25 -2.57
CA THR A 147 -6.49 -25.26 -2.28
C THR A 147 -7.61 -25.94 -1.51
N ILE A 148 -7.98 -25.39 -0.36
CA ILE A 148 -9.23 -25.74 0.39
C ILE A 148 -10.27 -24.67 0.06
N ILE A 149 -11.41 -25.07 -0.49
CA ILE A 149 -12.57 -24.17 -0.77
C ILE A 149 -13.38 -24.03 0.52
N TYR A 150 -13.70 -22.79 0.90
CA TYR A 150 -14.35 -22.40 2.17
C TYR A 150 -15.77 -21.98 1.88
N ASN A 151 -16.74 -22.77 2.34
CA ASN A 151 -18.18 -22.41 2.29
C ASN A 151 -18.69 -22.06 3.69
N VAL A 152 -18.99 -20.78 3.92
CA VAL A 152 -19.58 -20.25 5.19
C VAL A 152 -20.65 -19.22 4.82
N PRO A 153 -21.81 -19.71 4.30
CA PRO A 153 -22.90 -18.84 3.87
C PRO A 153 -23.39 -17.88 4.95
N GLY A 154 -23.22 -18.22 6.24
CA GLY A 154 -23.55 -17.34 7.38
C GLY A 154 -22.75 -16.04 7.38
N ARG A 155 -21.59 -16.02 6.72
CA ARG A 155 -20.69 -14.83 6.67
C ARG A 155 -20.68 -14.26 5.26
N THR A 156 -20.68 -15.10 4.22
CA THR A 156 -20.60 -14.65 2.80
C THR A 156 -21.98 -14.23 2.31
N CYS A 157 -23.04 -14.73 2.93
CA CYS A 157 -24.44 -14.62 2.45
C CYS A 157 -24.56 -15.18 1.04
N GLN A 158 -23.69 -16.13 0.65
CA GLN A 158 -23.81 -16.90 -0.60
C GLN A 158 -23.31 -18.33 -0.40
N ASP A 159 -24.22 -19.30 -0.47
CA ASP A 159 -23.91 -20.74 -0.40
C ASP A 159 -23.20 -21.14 -1.69
N ILE A 160 -22.03 -21.75 -1.60
CA ILE A 160 -21.39 -22.43 -2.77
C ILE A 160 -22.20 -23.70 -2.99
N PRO A 161 -23.00 -23.80 -4.09
CA PRO A 161 -23.81 -25.00 -4.34
C PRO A 161 -22.96 -26.23 -4.63
N PRO A 162 -23.46 -27.44 -4.27
CA PRO A 162 -22.82 -28.70 -4.65
C PRO A 162 -22.31 -28.80 -6.10
N GLN A 163 -23.13 -28.41 -7.08
CA GLN A 163 -22.77 -28.37 -8.53
C GLN A 163 -21.35 -27.77 -8.66
N VAL A 164 -21.11 -26.61 -8.05
CA VAL A 164 -19.81 -25.91 -8.15
C VAL A 164 -18.72 -26.77 -7.50
N ILE A 165 -18.96 -27.30 -6.29
CA ILE A 165 -17.94 -28.07 -5.54
C ILE A 165 -17.57 -29.32 -6.34
N PHE A 166 -18.56 -30.00 -6.93
CA PHE A 166 -18.32 -31.26 -7.69
C PHE A 166 -17.44 -30.93 -8.91
N LYS A 167 -17.74 -29.83 -9.63
CA LYS A 167 -16.93 -29.39 -10.80
C LYS A 167 -15.50 -29.06 -10.36
N LEU A 168 -15.32 -28.27 -9.30
CA LEU A 168 -13.98 -27.84 -8.81
C LEU A 168 -13.17 -29.08 -8.37
N SER A 169 -13.84 -30.09 -7.79
CA SER A 169 -13.19 -31.27 -7.17
C SER A 169 -12.46 -32.12 -8.23
N GLN A 170 -12.82 -31.97 -9.50
CA GLN A 170 -12.14 -32.64 -10.65
C GLN A 170 -10.72 -32.06 -10.81
N ASN A 171 -10.46 -30.83 -10.34
CA ASN A 171 -9.11 -30.24 -10.35
C ASN A 171 -8.28 -30.90 -9.26
N PRO A 172 -7.13 -31.52 -9.58
CA PRO A 172 -6.30 -32.18 -8.56
C PRO A 172 -5.67 -31.23 -7.54
N ASN A 173 -5.64 -29.92 -7.79
CA ASN A 173 -5.19 -28.89 -6.81
C ASN A 173 -6.28 -28.64 -5.76
N MET A 174 -7.54 -29.06 -5.98
CA MET A 174 -8.60 -28.90 -4.96
C MET A 174 -8.46 -30.01 -3.92
N ALA A 175 -7.90 -29.68 -2.76
CA ALA A 175 -7.62 -30.62 -1.67
C ALA A 175 -8.96 -31.09 -1.08
N GLY A 176 -9.92 -30.18 -0.96
CA GLY A 176 -11.20 -30.43 -0.27
C GLY A 176 -11.89 -29.15 0.17
N VAL A 177 -12.91 -29.29 1.02
CA VAL A 177 -13.87 -28.21 1.41
C VAL A 177 -13.83 -27.99 2.92
N LYS A 178 -13.66 -26.74 3.37
CA LYS A 178 -14.08 -26.33 4.73
C LYS A 178 -15.56 -25.94 4.65
N GLU A 179 -16.42 -26.78 5.22
CA GLU A 179 -17.91 -26.69 5.08
C GLU A 179 -18.55 -26.34 6.42
N CYS A 180 -19.44 -25.36 6.41
CA CYS A 180 -20.13 -24.85 7.62
C CYS A 180 -21.66 -25.00 7.50
N VAL A 181 -22.18 -25.47 6.36
CA VAL A 181 -23.66 -25.59 6.16
C VAL A 181 -24.25 -26.60 7.16
N GLY A 182 -23.54 -27.69 7.47
CA GLY A 182 -24.04 -28.73 8.38
C GLY A 182 -23.62 -30.12 7.95
N ASN A 183 -24.06 -31.14 8.71
CA ASN A 183 -23.57 -32.54 8.55
C ASN A 183 -24.20 -33.18 7.31
N ASN A 184 -25.40 -32.77 6.88
CA ASN A 184 -26.02 -33.32 5.66
C ASN A 184 -25.18 -32.91 4.43
N ARG A 185 -24.75 -31.65 4.37
CA ARG A 185 -23.87 -31.12 3.29
C ARG A 185 -22.51 -31.87 3.32
N VAL A 186 -21.90 -32.04 4.50
CA VAL A 186 -20.62 -32.77 4.65
C VAL A 186 -20.76 -34.16 4.02
N GLU A 187 -21.86 -34.85 4.31
CA GLU A 187 -22.05 -36.26 3.87
C GLU A 187 -22.28 -36.27 2.35
N GLU A 188 -22.97 -35.26 1.80
CA GLU A 188 -23.24 -35.20 0.34
C GLU A 188 -21.88 -35.19 -0.41
N TYR A 189 -20.85 -34.60 0.19
CA TYR A 189 -19.50 -34.46 -0.41
C TYR A 189 -18.65 -35.69 -0.11
N THR A 190 -18.59 -36.15 1.15
CA THR A 190 -17.71 -37.27 1.55
C THR A 190 -18.14 -38.56 0.83
N GLU A 191 -19.44 -38.80 0.66
CA GLU A 191 -19.95 -40.05 0.06
C GLU A 191 -19.62 -40.05 -1.42
N LYS A 192 -19.33 -38.87 -1.99
CA LYS A 192 -18.95 -38.68 -3.41
C LYS A 192 -17.43 -38.46 -3.53
N GLY A 193 -16.66 -38.83 -2.51
CA GLY A 193 -15.18 -38.96 -2.56
C GLY A 193 -14.44 -37.66 -2.27
N ILE A 194 -15.16 -36.58 -1.96
CA ILE A 194 -14.56 -35.24 -1.68
C ILE A 194 -14.19 -35.15 -0.20
N VAL A 195 -12.98 -34.68 0.09
CA VAL A 195 -12.45 -34.53 1.47
C VAL A 195 -13.08 -33.28 2.09
N VAL A 196 -13.63 -33.41 3.30
CA VAL A 196 -14.30 -32.30 4.03
C VAL A 196 -13.71 -32.17 5.44
N TRP A 197 -13.40 -30.94 5.84
CA TRP A 197 -13.18 -30.53 7.25
C TRP A 197 -14.43 -29.76 7.68
N SER A 198 -15.05 -30.17 8.80
CA SER A 198 -16.11 -29.37 9.45
C SER A 198 -15.49 -28.03 9.87
N GLY A 199 -16.21 -26.93 9.63
CA GLY A 199 -15.87 -25.60 10.14
C GLY A 199 -16.70 -25.22 11.36
N ASN A 200 -17.51 -26.16 11.88
CA ASN A 200 -18.43 -25.96 13.04
C ASN A 200 -17.94 -26.83 14.21
N ASP A 201 -17.28 -26.23 15.19
CA ASP A 201 -16.71 -26.96 16.35
C ASP A 201 -17.79 -27.87 16.99
N ASP A 202 -19.04 -27.42 17.10
CA ASP A 202 -20.10 -28.14 17.86
C ASP A 202 -20.75 -29.22 16.98
N GLN A 203 -20.29 -29.41 15.74
CA GLN A 203 -20.76 -30.44 14.79
C GLN A 203 -19.63 -31.40 14.40
N CYS A 204 -18.37 -31.06 14.69
CA CYS A 204 -17.17 -31.72 14.07
C CYS A 204 -17.03 -33.18 14.53
N HIS A 205 -17.32 -33.47 15.80
CA HIS A 205 -17.36 -34.85 16.35
C HIS A 205 -18.25 -35.75 15.48
N ASP A 206 -19.56 -35.46 15.42
CA ASP A 206 -20.54 -36.24 14.63
C ASP A 206 -20.14 -36.28 13.15
N SER A 207 -19.61 -35.17 12.64
CA SER A 207 -19.14 -35.00 11.24
C SER A 207 -18.06 -36.05 10.95
N ARG A 208 -17.11 -36.17 11.88
CA ARG A 208 -15.90 -37.02 11.80
C ARG A 208 -16.28 -38.50 11.85
N TRP A 209 -17.19 -38.89 12.75
CA TRP A 209 -17.45 -40.31 13.12
C TRP A 209 -18.68 -40.86 12.42
N ASP A 210 -19.62 -40.02 11.97
CA ASP A 210 -20.90 -40.46 11.37
C ASP A 210 -21.08 -39.98 9.93
N HIS A 211 -20.28 -39.03 9.42
CA HIS A 211 -20.58 -38.38 8.12
C HIS A 211 -19.36 -38.31 7.19
N GLY A 212 -18.26 -38.99 7.51
CA GLY A 212 -17.12 -39.19 6.60
C GLY A 212 -16.15 -38.01 6.57
N ALA A 213 -16.30 -37.02 7.47
CA ALA A 213 -15.40 -35.85 7.55
C ALA A 213 -14.01 -36.30 7.99
N THR A 214 -12.98 -35.74 7.36
CA THR A 214 -11.56 -36.07 7.66
C THR A 214 -11.21 -35.46 9.01
N GLY A 215 -11.85 -34.36 9.38
CA GLY A 215 -11.60 -33.72 10.69
C GLY A 215 -12.16 -32.32 10.74
N VAL A 216 -11.45 -31.39 11.39
CA VAL A 216 -11.98 -30.06 11.76
C VAL A 216 -10.94 -28.99 11.46
N ILE A 217 -11.40 -27.84 10.95
CA ILE A 217 -10.64 -26.57 10.98
C ILE A 217 -11.25 -25.77 12.13
N SER A 218 -10.57 -25.73 13.28
CA SER A 218 -11.19 -25.48 14.62
C SER A 218 -10.83 -24.10 15.18
N VAL A 219 -11.79 -23.47 15.86
CA VAL A 219 -11.56 -22.29 16.74
C VAL A 219 -11.21 -22.78 18.15
N THR A 220 -11.97 -23.76 18.63
CA THR A 220 -11.92 -24.24 20.04
C THR A 220 -10.53 -24.81 20.33
N SER A 221 -9.82 -25.37 19.35
CA SER A 221 -8.45 -25.93 19.55
C SER A 221 -7.46 -24.85 20.03
N ASN A 222 -7.75 -23.56 19.80
CA ASN A 222 -6.97 -22.42 20.36
C ASN A 222 -6.93 -22.50 21.89
N LEU A 223 -8.03 -22.96 22.51
CA LEU A 223 -8.19 -23.04 23.99
C LEU A 223 -7.76 -24.43 24.50
N VAL A 224 -8.26 -25.50 23.88
CA VAL A 224 -8.08 -26.90 24.36
C VAL A 224 -7.60 -27.80 23.22
N PRO A 225 -6.38 -27.61 22.70
CA PRO A 225 -5.93 -28.34 21.51
C PRO A 225 -5.84 -29.85 21.73
N GLY A 226 -5.44 -30.28 22.94
CA GLY A 226 -5.34 -31.71 23.34
C GLY A 226 -6.68 -32.42 23.27
N LEU A 227 -7.73 -31.81 23.81
CA LEU A 227 -9.09 -32.39 23.85
C LEU A 227 -9.66 -32.49 22.42
N MET A 228 -9.40 -31.49 21.58
CA MET A 228 -9.87 -31.45 20.17
C MET A 228 -9.14 -32.54 19.36
N ARG A 229 -7.86 -32.78 19.66
CA ARG A 229 -7.06 -33.85 19.00
C ARG A 229 -7.61 -35.23 19.39
N LYS A 230 -7.89 -35.42 20.69
CA LYS A 230 -8.52 -36.65 21.25
C LYS A 230 -9.87 -36.86 20.54
N LEU A 231 -10.65 -35.79 20.37
CA LEU A 231 -12.01 -35.83 19.76
C LEU A 231 -11.92 -36.33 18.31
N MET A 232 -10.82 -36.04 17.61
CA MET A 232 -10.68 -36.34 16.17
C MET A 232 -9.97 -37.69 15.94
N PHE A 233 -9.22 -38.22 16.90
CA PHE A 233 -8.30 -39.38 16.65
C PHE A 233 -8.71 -40.66 17.41
N GLU A 234 -9.10 -40.57 18.69
CA GLU A 234 -9.25 -41.72 19.62
C GLU A 234 -10.65 -42.36 19.55
N GLY A 235 -11.41 -42.12 18.49
CA GLY A 235 -12.71 -42.78 18.24
C GLY A 235 -13.90 -41.97 18.75
N ARG A 236 -15.11 -42.35 18.33
CA ARG A 236 -16.40 -41.80 18.81
C ARG A 236 -16.33 -41.67 20.35
N ASN A 237 -16.88 -40.59 20.90
CA ASN A 237 -16.79 -40.29 22.36
C ASN A 237 -17.79 -39.17 22.68
N SER A 238 -19.09 -39.50 22.69
CA SER A 238 -20.20 -38.53 22.85
C SER A 238 -20.14 -37.83 24.22
N ALA A 239 -19.50 -38.42 25.23
CA ALA A 239 -19.38 -37.84 26.59
C ALA A 239 -18.38 -36.68 26.60
N LEU A 240 -17.23 -36.82 25.91
CA LEU A 240 -16.21 -35.75 25.75
C LEU A 240 -16.80 -34.60 24.91
N ASN A 241 -17.57 -34.94 23.88
CA ASN A 241 -18.26 -33.98 22.99
C ASN A 241 -19.25 -33.15 23.83
N ALA A 242 -20.06 -33.82 24.64
CA ALA A 242 -21.03 -33.21 25.59
C ALA A 242 -20.29 -32.31 26.59
N LYS A 243 -19.12 -32.73 27.05
CA LYS A 243 -18.32 -31.98 28.07
C LYS A 243 -17.78 -30.68 27.45
N LEU A 244 -17.58 -30.62 26.13
CA LEU A 244 -17.03 -29.43 25.42
C LEU A 244 -18.16 -28.48 24.99
N LEU A 245 -19.39 -28.97 24.84
CA LEU A 245 -20.53 -28.19 24.27
C LEU A 245 -20.75 -26.88 25.04
N PRO A 246 -20.69 -26.85 26.40
CA PRO A 246 -20.74 -25.57 27.12
C PRO A 246 -19.68 -24.55 26.67
N LEU A 247 -18.43 -24.98 26.53
CA LEU A 247 -17.29 -24.11 26.10
C LEU A 247 -17.52 -23.62 24.66
N MET A 248 -18.02 -24.47 23.76
CA MET A 248 -18.28 -24.10 22.35
C MET A 248 -19.45 -23.12 22.28
N ASP A 249 -20.48 -23.28 23.11
CA ASP A 249 -21.66 -22.38 23.15
C ASP A 249 -21.20 -21.00 23.65
N TRP A 250 -20.32 -21.00 24.65
CA TRP A 250 -19.71 -19.76 25.20
C TRP A 250 -18.89 -19.05 24.10
N LEU A 251 -18.12 -19.80 23.30
CA LEU A 251 -17.18 -19.23 22.28
C LEU A 251 -17.95 -18.58 21.11
N PHE A 252 -19.22 -18.93 20.91
CA PHE A 252 -20.01 -18.48 19.73
C PHE A 252 -21.25 -17.67 20.15
N GLN A 253 -21.38 -17.26 21.41
CA GLN A 253 -22.41 -16.30 21.91
C GLN A 253 -22.41 -15.05 21.04
N GLU A 254 -21.22 -14.50 20.78
CA GLU A 254 -20.99 -13.38 19.82
C GLU A 254 -20.18 -13.93 18.67
N PRO A 255 -20.17 -13.26 17.49
CA PRO A 255 -19.39 -13.73 16.35
C PRO A 255 -17.89 -13.91 16.68
N ASN A 256 -17.39 -15.11 16.35
CA ASN A 256 -15.95 -15.43 16.31
C ASN A 256 -15.26 -14.30 15.53
N PRO A 257 -14.10 -13.76 15.98
CA PRO A 257 -13.35 -14.26 17.13
C PRO A 257 -13.52 -13.53 18.48
N ILE A 258 -14.70 -12.97 18.76
CA ILE A 258 -14.91 -12.22 20.03
C ILE A 258 -14.67 -13.16 21.23
N GLY A 259 -15.25 -14.36 21.23
CA GLY A 259 -15.09 -15.35 22.32
C GLY A 259 -13.64 -15.76 22.52
N VAL A 260 -12.96 -16.23 21.47
CA VAL A 260 -11.59 -16.79 21.58
C VAL A 260 -10.64 -15.66 22.03
N ASN A 261 -10.83 -14.44 21.54
CA ASN A 261 -9.99 -13.26 21.90
C ASN A 261 -10.14 -12.97 23.40
N THR A 262 -11.38 -13.02 23.91
CA THR A 262 -11.69 -12.77 25.34
C THR A 262 -11.05 -13.87 26.20
N ALA A 263 -11.27 -15.14 25.83
CA ALA A 263 -10.79 -16.32 26.59
C ALA A 263 -9.25 -16.32 26.67
N LEU A 264 -8.55 -16.07 25.56
CA LEU A 264 -7.07 -16.18 25.56
C LEU A 264 -6.50 -15.01 26.38
N ALA A 265 -7.24 -13.91 26.49
CA ALA A 265 -6.86 -12.79 27.40
C ALA A 265 -7.01 -13.25 28.86
N GLN A 266 -8.11 -13.95 29.18
CA GLN A 266 -8.41 -14.48 30.54
C GLN A 266 -7.35 -15.51 30.94
N LEU A 267 -6.86 -16.32 30.00
CA LEU A 267 -5.85 -17.39 30.26
C LEU A 267 -4.44 -16.80 30.32
N GLY A 268 -4.25 -15.54 29.93
CA GLY A 268 -2.94 -14.83 29.98
C GLY A 268 -1.99 -15.21 28.85
N VAL A 269 -2.44 -15.83 27.76
CA VAL A 269 -1.56 -16.22 26.60
C VAL A 269 -1.65 -15.17 25.49
N ALA A 270 -2.66 -14.31 25.52
CA ALA A 270 -2.78 -13.10 24.66
C ALA A 270 -3.09 -11.88 25.54
N ARG A 271 -2.48 -10.74 25.25
CA ARG A 271 -2.82 -9.47 25.91
C ARG A 271 -4.30 -9.16 25.66
N PRO A 272 -4.97 -8.45 26.60
CA PRO A 272 -6.36 -8.04 26.39
C PRO A 272 -6.43 -6.84 25.42
N VAL A 273 -5.93 -7.04 24.20
CA VAL A 273 -5.82 -5.99 23.15
C VAL A 273 -6.66 -6.45 21.95
N PHE A 274 -7.68 -5.65 21.59
CA PHE A 274 -8.65 -5.89 20.49
C PHE A 274 -8.45 -4.85 19.40
N ARG A 275 -8.32 -5.30 18.15
CA ARG A 275 -8.47 -4.43 16.96
C ARG A 275 -9.96 -4.25 16.70
N LEU A 276 -10.44 -3.01 16.62
CA LEU A 276 -11.86 -2.75 16.27
C LEU A 276 -12.08 -3.32 14.88
N PRO A 277 -13.27 -3.86 14.54
CA PRO A 277 -14.51 -3.67 15.29
C PRO A 277 -14.88 -4.75 16.31
N TYR A 278 -13.92 -5.57 16.74
CA TYR A 278 -14.15 -6.58 17.82
C TYR A 278 -13.92 -5.91 19.17
N VAL A 279 -14.82 -6.20 20.10
CA VAL A 279 -14.72 -5.81 21.53
C VAL A 279 -14.98 -7.06 22.35
N PRO A 280 -14.45 -7.12 23.60
CA PRO A 280 -14.53 -8.31 24.45
C PRO A 280 -15.96 -8.62 24.89
N LEU A 281 -16.22 -9.88 25.23
CA LEU A 281 -17.45 -10.30 25.93
C LEU A 281 -17.51 -9.54 27.27
N PRO A 282 -18.72 -9.12 27.70
CA PRO A 282 -18.87 -8.38 28.97
C PRO A 282 -18.61 -9.22 30.23
N LEU A 283 -18.60 -8.57 31.40
CA LEU A 283 -18.12 -9.12 32.69
C LEU A 283 -18.89 -10.40 33.06
N SER A 284 -20.21 -10.42 32.96
CA SER A 284 -21.02 -11.62 33.33
C SER A 284 -20.46 -12.84 32.59
N LYS A 285 -20.15 -12.72 31.28
CA LYS A 285 -19.65 -13.82 30.41
C LYS A 285 -18.24 -14.21 30.81
N ARG A 286 -17.38 -13.26 31.18
CA ARG A 286 -16.00 -13.55 31.62
C ARG A 286 -16.04 -14.36 32.93
N ILE A 287 -17.04 -14.13 33.78
CA ILE A 287 -17.25 -14.90 35.05
C ILE A 287 -17.69 -16.33 34.69
N GLU A 288 -18.64 -16.49 33.76
CA GLU A 288 -19.06 -17.82 33.24
C GLU A 288 -17.83 -18.61 32.76
N PHE A 289 -16.88 -17.95 32.07
CA PHE A 289 -15.70 -18.61 31.44
C PHE A 289 -14.78 -19.16 32.54
N VAL A 290 -14.61 -18.43 33.63
CA VAL A 290 -13.79 -18.88 34.80
C VAL A 290 -14.41 -20.16 35.36
N LYS A 291 -15.74 -20.28 35.38
CA LYS A 291 -16.48 -21.47 35.88
C LYS A 291 -16.28 -22.63 34.89
N LEU A 292 -16.50 -22.41 33.59
CA LEU A 292 -16.34 -23.43 32.52
C LEU A 292 -14.92 -24.02 32.58
N VAL A 293 -13.92 -23.19 32.83
CA VAL A 293 -12.50 -23.62 32.93
C VAL A 293 -12.35 -24.59 34.12
N LYS A 294 -12.99 -24.28 35.26
CA LYS A 294 -12.90 -25.09 36.51
C LYS A 294 -13.63 -26.41 36.29
N GLU A 295 -14.86 -26.34 35.77
CA GLU A 295 -15.68 -27.51 35.35
C GLU A 295 -14.85 -28.46 34.48
N ILE A 296 -14.10 -27.95 33.49
CA ILE A 296 -13.39 -28.81 32.49
C ILE A 296 -12.00 -29.18 33.03
N GLY A 297 -11.35 -28.28 33.78
CA GLY A 297 -9.98 -28.49 34.31
C GLY A 297 -8.99 -27.60 33.58
N ARG A 298 -8.32 -26.70 34.31
CA ARG A 298 -7.51 -25.61 33.72
C ARG A 298 -6.26 -26.19 33.06
N GLU A 299 -5.85 -27.40 33.47
CA GLU A 299 -4.64 -28.07 32.93
C GLU A 299 -4.87 -28.36 31.44
N HIS A 300 -6.13 -28.47 31.01
CA HIS A 300 -6.52 -28.79 29.61
C HIS A 300 -6.47 -27.55 28.70
N PHE A 301 -6.52 -26.35 29.28
CA PHE A 301 -6.52 -25.05 28.55
C PHE A 301 -5.07 -24.61 28.37
N VAL A 302 -4.80 -23.90 27.29
CA VAL A 302 -3.45 -23.34 26.96
C VAL A 302 -2.99 -22.42 28.10
N GLY A 303 -1.67 -22.30 28.27
CA GLY A 303 -1.07 -21.37 29.26
C GLY A 303 -0.99 -21.97 30.65
N ASP A 304 -0.18 -21.32 31.51
CA ASP A 304 0.18 -21.79 32.88
C ASP A 304 -0.44 -20.88 33.94
N ARG A 305 -0.78 -19.63 33.60
CA ARG A 305 -1.33 -18.63 34.55
C ARG A 305 -2.73 -19.04 35.02
N ASP A 306 -3.08 -18.72 36.26
CA ASP A 306 -4.46 -18.81 36.82
C ASP A 306 -5.40 -17.99 35.93
N VAL A 307 -6.58 -18.54 35.60
CA VAL A 307 -7.60 -17.85 34.76
C VAL A 307 -8.19 -16.67 35.55
N GLN A 308 -7.97 -15.45 35.05
CA GLN A 308 -8.49 -14.16 35.59
C GLN A 308 -9.78 -13.76 34.86
N VAL A 309 -10.68 -13.07 35.57
CA VAL A 309 -11.94 -12.47 35.03
C VAL A 309 -11.60 -11.20 34.23
N LEU A 310 -10.65 -10.41 34.73
CA LEU A 310 -10.19 -9.10 34.19
C LEU A 310 -11.30 -8.05 34.38
N ASP A 311 -10.92 -6.79 34.58
CA ASP A 311 -11.87 -5.64 34.58
C ASP A 311 -12.16 -5.20 33.14
N ASP A 312 -13.32 -4.58 32.92
CA ASP A 312 -13.68 -3.90 31.64
C ASP A 312 -12.52 -2.99 31.22
N ASP A 313 -11.87 -2.30 32.17
CA ASP A 313 -10.81 -1.30 31.88
C ASP A 313 -9.46 -1.98 31.63
N ASP A 314 -9.36 -3.30 31.71
CA ASP A 314 -8.13 -4.03 31.30
C ASP A 314 -8.02 -4.06 29.75
N PHE A 315 -9.15 -3.94 29.04
CA PHE A 315 -9.22 -4.17 27.57
C PHE A 315 -8.86 -2.89 26.83
N ILE A 316 -7.88 -2.98 25.93
CA ILE A 316 -7.47 -1.89 25.02
C ILE A 316 -8.20 -2.14 23.69
N LEU A 317 -9.01 -1.19 23.24
CA LEU A 317 -9.67 -1.19 21.91
C LEU A 317 -8.88 -0.26 20.99
N ILE A 318 -8.38 -0.76 19.85
CA ILE A 318 -7.51 -0.02 18.88
C ILE A 318 -8.28 0.19 17.57
N GLY A 319 -8.35 1.45 17.11
CA GLY A 319 -8.81 1.85 15.77
C GLY A 319 -7.63 2.15 14.87
N ARG A 320 -6.70 2.99 15.32
CA ARG A 320 -5.50 3.41 14.54
C ARG A 320 -4.31 2.52 14.91
N TYR A 321 -3.99 1.55 14.06
CA TYR A 321 -2.80 0.67 14.21
C TYR A 321 -2.13 0.54 12.84
N ASP B 10 -21.65 24.02 13.73
CA ASP B 10 -22.87 24.67 13.15
C ASP B 10 -22.82 24.65 11.62
N LYS B 11 -21.61 24.72 11.03
CA LYS B 11 -21.36 24.39 9.60
C LYS B 11 -21.67 22.90 9.38
N ASN B 12 -21.30 22.07 10.36
CA ASN B 12 -21.61 20.61 10.45
C ASN B 12 -23.12 20.38 10.25
N ARG B 13 -23.96 21.14 10.94
CA ARG B 13 -25.45 21.07 10.86
C ARG B 13 -25.89 21.35 9.42
N THR B 14 -25.41 22.44 8.80
CA THR B 14 -25.73 22.83 7.39
C THR B 14 -25.25 21.73 6.44
N ASN B 15 -24.02 21.23 6.64
CA ASN B 15 -23.41 20.19 5.77
C ASN B 15 -24.27 18.93 5.84
N THR B 16 -24.68 18.51 7.04
CA THR B 16 -25.49 17.28 7.24
C THR B 16 -26.87 17.50 6.62
N ASP B 17 -27.47 18.68 6.81
CA ASP B 17 -28.82 18.98 6.27
C ASP B 17 -28.75 18.99 4.73
N ASP B 18 -27.65 19.45 4.15
CA ASP B 18 -27.43 19.47 2.68
C ASP B 18 -27.45 18.02 2.15
N ILE B 19 -27.02 17.03 2.94
CA ILE B 19 -27.14 15.61 2.53
C ILE B 19 -28.60 15.15 2.67
N ARG B 20 -29.25 15.50 3.79
CA ARG B 20 -30.61 15.03 4.14
C ARG B 20 -31.65 15.47 3.08
N SER B 21 -31.41 16.54 2.32
CA SER B 21 -32.39 17.12 1.36
C SER B 21 -32.30 16.45 -0.02
N LEU B 22 -31.31 15.58 -0.23
CA LEU B 22 -31.07 14.89 -1.52
C LEU B 22 -32.12 13.78 -1.67
N ARG B 23 -32.79 13.68 -2.83
CA ARG B 23 -33.83 12.66 -3.08
C ARG B 23 -33.31 11.64 -4.10
N VAL B 24 -32.51 12.07 -5.07
CA VAL B 24 -31.89 11.13 -6.05
C VAL B 24 -30.37 11.10 -5.85
N ILE B 25 -29.86 9.98 -5.37
CA ILE B 25 -28.40 9.72 -5.24
C ILE B 25 -28.07 8.49 -6.09
N THR B 26 -27.16 8.66 -7.07
CA THR B 26 -26.77 7.56 -7.98
C THR B 26 -25.53 6.85 -7.40
N ALA B 27 -25.64 5.52 -7.25
CA ALA B 27 -24.49 4.64 -6.95
C ALA B 27 -23.75 4.43 -8.27
N ILE B 28 -22.87 5.37 -8.63
CA ILE B 28 -22.32 5.49 -10.01
C ILE B 28 -21.42 4.30 -10.30
N LYS B 29 -21.58 3.72 -11.49
CA LYS B 29 -20.72 2.65 -12.06
C LYS B 29 -19.32 3.23 -12.34
N THR B 30 -18.27 2.47 -12.03
CA THR B 30 -16.87 2.82 -12.34
C THR B 30 -16.49 2.13 -13.65
N PRO B 31 -16.26 2.86 -14.76
CA PRO B 31 -15.89 2.25 -16.03
C PRO B 31 -14.36 2.11 -16.17
N TYR B 32 -13.92 1.12 -16.96
CA TYR B 32 -12.51 0.68 -17.09
C TYR B 32 -12.02 0.81 -18.54
N LEU B 33 -10.70 0.99 -18.68
CA LEU B 33 -9.93 0.82 -19.94
C LEU B 33 -9.71 -0.67 -20.20
N PRO B 34 -9.32 -1.07 -21.43
CA PRO B 34 -9.13 -2.48 -21.75
C PRO B 34 -8.14 -3.25 -20.85
N ASP B 35 -7.17 -2.56 -20.22
CA ASP B 35 -6.19 -3.16 -19.27
C ASP B 35 -6.69 -3.11 -17.81
N GLY B 36 -7.89 -2.59 -17.54
CA GLY B 36 -8.48 -2.71 -16.19
C GLY B 36 -8.37 -1.44 -15.35
N ARG B 37 -7.56 -0.46 -15.76
CA ARG B 37 -7.47 0.86 -15.09
C ARG B 37 -8.76 1.64 -15.29
N PHE B 38 -9.02 2.64 -14.43
CA PHE B 38 -10.19 3.53 -14.55
C PHE B 38 -10.16 4.26 -15.89
N ASP B 39 -11.32 4.32 -16.54
CA ASP B 39 -11.59 5.17 -17.72
C ASP B 39 -12.18 6.49 -17.19
N LEU B 40 -11.33 7.41 -16.79
CA LEU B 40 -11.76 8.72 -16.23
C LEU B 40 -12.60 9.50 -17.26
N GLN B 41 -12.36 9.32 -18.55
CA GLN B 41 -13.10 10.06 -19.59
C GLN B 41 -14.55 9.55 -19.58
N ALA B 42 -14.76 8.23 -19.62
CA ALA B 42 -16.09 7.61 -19.59
C ALA B 42 -16.76 7.96 -18.26
N TYR B 43 -16.01 7.95 -17.16
CA TYR B 43 -16.54 8.29 -15.82
C TYR B 43 -17.09 9.72 -15.80
N ASP B 44 -16.32 10.69 -16.32
CA ASP B 44 -16.73 12.12 -16.33
C ASP B 44 -18.02 12.27 -17.15
N ASP B 45 -18.14 11.56 -18.27
CA ASP B 45 -19.34 11.56 -19.14
C ASP B 45 -20.53 10.97 -18.36
N LEU B 46 -20.34 9.86 -17.65
CA LEU B 46 -21.42 9.27 -16.80
C LEU B 46 -21.87 10.31 -15.76
N VAL B 47 -20.94 10.94 -15.04
CA VAL B 47 -21.29 11.91 -13.97
C VAL B 47 -21.99 13.14 -14.59
N ASN B 48 -21.48 13.65 -15.70
CA ASN B 48 -22.10 14.82 -16.41
C ASN B 48 -23.54 14.48 -16.81
N THR B 49 -23.78 13.26 -17.32
CA THR B 49 -25.13 12.81 -17.70
C THR B 49 -26.03 12.81 -16.46
N GLN B 50 -25.58 12.28 -15.32
CA GLN B 50 -26.35 12.24 -14.06
C GLN B 50 -26.76 13.67 -13.68
N ILE B 51 -25.82 14.61 -13.69
CA ILE B 51 -26.10 16.02 -13.31
C ILE B 51 -27.16 16.60 -14.26
N GLU B 52 -26.97 16.44 -15.57
CA GLU B 52 -27.89 17.04 -16.58
C GLU B 52 -29.31 16.48 -16.39
N ASN B 53 -29.50 15.30 -15.79
CA ASN B 53 -30.81 14.60 -15.71
C ASN B 53 -31.37 14.54 -14.27
N GLY B 54 -30.87 15.37 -13.33
CA GLY B 54 -31.52 15.62 -12.04
C GLY B 54 -30.94 14.87 -10.85
N ALA B 55 -29.89 14.04 -11.04
CA ALA B 55 -29.20 13.38 -9.90
C ALA B 55 -28.57 14.49 -9.05
N GLU B 56 -28.73 14.42 -7.73
CA GLU B 56 -28.35 15.51 -6.78
C GLU B 56 -27.10 15.10 -5.98
N GLY B 57 -26.84 13.80 -5.93
CA GLY B 57 -25.65 13.25 -5.26
C GLY B 57 -25.18 12.03 -6.00
N VAL B 58 -23.95 11.62 -5.70
CA VAL B 58 -23.33 10.40 -6.27
C VAL B 58 -22.59 9.67 -5.13
N ILE B 59 -22.78 8.35 -5.01
CA ILE B 59 -21.90 7.49 -4.17
C ILE B 59 -20.69 7.12 -5.03
N VAL B 60 -19.48 7.42 -4.55
CA VAL B 60 -18.23 7.08 -5.28
C VAL B 60 -17.67 5.77 -4.73
N GLY B 61 -17.55 4.78 -5.61
CA GLY B 61 -17.03 3.44 -5.29
C GLY B 61 -17.85 2.75 -4.21
N GLY B 62 -19.18 2.81 -4.32
CA GLY B 62 -20.05 1.90 -3.54
C GLY B 62 -19.99 0.50 -4.14
N THR B 63 -20.93 -0.37 -3.79
CA THR B 63 -21.02 -1.75 -4.32
C THR B 63 -21.19 -1.68 -5.86
N THR B 64 -22.05 -0.77 -6.33
CA THR B 64 -22.34 -0.61 -7.76
C THR B 64 -21.08 -0.11 -8.46
N GLY B 65 -20.30 0.73 -7.77
CA GLY B 65 -19.06 1.31 -8.28
C GLY B 65 -17.84 0.42 -8.07
N GLU B 66 -18.03 -0.79 -7.53
CA GLU B 66 -16.97 -1.82 -7.38
C GLU B 66 -15.84 -1.32 -6.46
N GLY B 67 -16.17 -0.59 -5.38
CA GLY B 67 -15.20 -0.13 -4.36
C GLY B 67 -14.44 -1.29 -3.73
N GLN B 68 -15.10 -2.44 -3.56
CA GLN B 68 -14.53 -3.72 -3.06
C GLN B 68 -13.34 -4.19 -3.92
N LEU B 69 -13.25 -3.78 -5.20
CA LEU B 69 -12.19 -4.20 -6.15
C LEU B 69 -11.12 -3.10 -6.31
N MET B 70 -11.29 -1.94 -5.68
CA MET B 70 -10.29 -0.84 -5.83
C MET B 70 -9.19 -1.01 -4.78
N SER B 71 -7.97 -0.65 -5.14
CA SER B 71 -6.91 -0.33 -4.16
C SER B 71 -7.30 1.03 -3.58
N TRP B 72 -6.88 1.37 -2.37
CA TRP B 72 -7.34 2.62 -1.71
C TRP B 72 -6.80 3.83 -2.49
N ASP B 73 -5.63 3.72 -3.12
CA ASP B 73 -5.04 4.85 -3.89
C ASP B 73 -5.99 5.18 -5.06
N GLU B 74 -6.50 4.18 -5.78
CA GLU B 74 -7.53 4.37 -6.85
C GLU B 74 -8.80 5.02 -6.27
N HIS B 75 -9.29 4.52 -5.14
CA HIS B 75 -10.59 4.92 -4.54
C HIS B 75 -10.52 6.39 -4.10
N ILE B 76 -9.46 6.73 -3.37
CA ILE B 76 -9.26 8.09 -2.81
C ILE B 76 -9.10 9.06 -3.98
N MET B 77 -8.32 8.67 -5.01
CA MET B 77 -8.15 9.46 -6.25
C MET B 77 -9.53 9.73 -6.87
N LEU B 78 -10.36 8.72 -6.99
CA LEU B 78 -11.68 8.87 -7.66
C LEU B 78 -12.56 9.86 -6.85
N ILE B 79 -12.47 9.82 -5.52
CA ILE B 79 -13.23 10.75 -4.62
C ILE B 79 -12.74 12.17 -4.88
N GLY B 80 -11.43 12.41 -4.77
CA GLY B 80 -10.82 13.73 -5.00
C GLY B 80 -11.11 14.25 -6.39
N HIS B 81 -11.04 13.36 -7.38
CA HIS B 81 -11.32 13.70 -8.81
C HIS B 81 -12.77 14.20 -8.93
N THR B 82 -13.72 13.44 -8.37
CA THR B 82 -15.16 13.76 -8.43
C THR B 82 -15.43 15.07 -7.68
N VAL B 83 -14.85 15.27 -6.49
CA VAL B 83 -15.00 16.57 -5.76
C VAL B 83 -14.47 17.68 -6.67
N ASN B 84 -13.25 17.54 -7.19
CA ASN B 84 -12.54 18.59 -7.95
C ASN B 84 -13.30 18.96 -9.24
N CYS B 85 -13.81 17.98 -9.98
CA CYS B 85 -14.43 18.25 -11.31
C CYS B 85 -15.92 18.59 -11.14
N PHE B 86 -16.61 18.11 -10.10
CA PHE B 86 -18.10 18.12 -10.07
C PHE B 86 -18.65 18.60 -8.73
N GLY B 87 -17.79 18.85 -7.74
CA GLY B 87 -18.19 19.14 -6.34
C GLY B 87 -19.11 20.35 -6.21
N GLY B 88 -19.09 21.27 -7.19
CA GLY B 88 -19.93 22.48 -7.18
C GLY B 88 -21.30 22.21 -7.79
N ARG B 89 -21.46 21.10 -8.50
CA ARG B 89 -22.69 20.81 -9.30
C ARG B 89 -23.44 19.59 -8.74
N ILE B 90 -22.84 18.80 -7.85
CA ILE B 90 -23.49 17.59 -7.24
C ILE B 90 -22.83 17.30 -5.88
N LYS B 91 -23.55 16.62 -4.98
CA LYS B 91 -23.00 16.22 -3.66
C LYS B 91 -22.26 14.90 -3.86
N VAL B 92 -21.01 14.84 -3.38
CA VAL B 92 -20.10 13.68 -3.55
C VAL B 92 -20.00 12.94 -2.21
N ILE B 93 -20.43 11.70 -2.21
CA ILE B 93 -20.48 10.85 -1.00
C ILE B 93 -19.52 9.70 -1.25
N GLY B 94 -18.37 9.70 -0.58
CA GLY B 94 -17.40 8.60 -0.69
C GLY B 94 -17.88 7.40 0.08
N ASN B 95 -17.85 6.23 -0.53
CA ASN B 95 -18.02 4.95 0.19
C ASN B 95 -16.69 4.63 0.88
N THR B 96 -16.47 5.16 2.09
CA THR B 96 -15.19 5.02 2.83
C THR B 96 -15.39 4.02 3.96
N GLY B 97 -16.46 3.21 3.90
CA GLY B 97 -16.74 2.16 4.89
C GLY B 97 -15.89 0.92 4.65
N SER B 98 -15.73 0.08 5.67
CA SER B 98 -14.95 -1.18 5.63
C SER B 98 -15.38 -2.12 6.76
N ASN B 99 -15.06 -3.39 6.61
CA ASN B 99 -15.19 -4.39 7.70
C ASN B 99 -13.99 -4.20 8.65
N SER B 100 -13.01 -3.36 8.28
CA SER B 100 -11.87 -3.00 9.15
C SER B 100 -12.03 -1.57 9.66
N THR B 101 -12.09 -1.38 10.98
CA THR B 101 -12.27 -0.03 11.57
C THR B 101 -11.10 0.85 11.16
N ARG B 102 -9.86 0.33 11.19
CA ARG B 102 -8.65 1.09 10.78
C ARG B 102 -8.85 1.64 9.36
N GLU B 103 -9.31 0.82 8.41
CA GLU B 103 -9.45 1.24 6.99
C GLU B 103 -10.55 2.29 6.92
N ALA B 104 -11.59 2.13 7.69
CA ALA B 104 -12.76 3.05 7.70
C ALA B 104 -12.32 4.44 8.19
N ILE B 105 -11.52 4.48 9.25
CA ILE B 105 -11.00 5.74 9.85
C ILE B 105 -10.10 6.45 8.82
N HIS B 106 -9.12 5.75 8.23
CA HIS B 106 -8.16 6.38 7.29
C HIS B 106 -8.91 6.87 6.04
N ALA B 107 -9.73 6.02 5.44
CA ALA B 107 -10.44 6.35 4.19
C ALA B 107 -11.32 7.58 4.41
N THR B 108 -12.03 7.63 5.54
CA THR B 108 -13.06 8.67 5.84
C THR B 108 -12.37 10.01 6.12
N GLU B 109 -11.29 10.02 6.90
CA GLU B 109 -10.60 11.31 7.23
C GLU B 109 -9.92 11.81 5.95
N GLN B 110 -9.44 10.92 5.10
CA GLN B 110 -8.82 11.31 3.80
C GLN B 110 -9.91 11.86 2.88
N GLY B 111 -11.02 11.15 2.76
CA GLY B 111 -12.16 11.62 1.93
C GLY B 111 -12.59 13.03 2.32
N PHE B 112 -12.78 13.29 3.60
CA PHE B 112 -13.26 14.59 4.10
C PHE B 112 -12.16 15.64 3.88
N ALA B 113 -10.91 15.28 4.08
CA ALA B 113 -9.76 16.22 3.91
C ALA B 113 -9.70 16.69 2.45
N MET B 114 -10.21 15.90 1.52
CA MET B 114 -10.23 16.23 0.07
C MET B 114 -11.58 16.83 -0.37
N GLY B 115 -12.51 17.06 0.58
CA GLY B 115 -13.70 17.91 0.36
C GLY B 115 -14.93 17.11 -0.04
N MET B 116 -14.96 15.78 0.12
CA MET B 116 -16.23 15.04 -0.10
C MET B 116 -17.29 15.57 0.88
N HIS B 117 -18.55 15.56 0.47
CA HIS B 117 -19.68 16.16 1.22
C HIS B 117 -20.17 15.20 2.32
N GLY B 118 -20.04 13.89 2.10
CA GLY B 118 -20.56 12.88 3.04
C GLY B 118 -19.88 11.54 2.89
N ALA B 119 -20.13 10.61 3.82
CA ALA B 119 -19.59 9.24 3.84
C ALA B 119 -20.73 8.23 3.97
N LEU B 120 -20.62 7.15 3.20
CA LEU B 120 -21.45 5.93 3.32
C LEU B 120 -20.69 4.88 4.14
N HIS B 121 -21.28 4.47 5.26
CA HIS B 121 -20.71 3.52 6.25
C HIS B 121 -21.64 2.32 6.42
N ILE B 122 -21.21 1.19 5.88
CA ILE B 122 -21.79 -0.17 6.09
C ILE B 122 -21.29 -0.72 7.44
N ASN B 123 -22.05 -1.63 8.02
CA ASN B 123 -21.60 -2.39 9.22
C ASN B 123 -20.59 -3.42 8.75
N PRO B 124 -19.62 -3.84 9.59
CA PRO B 124 -18.64 -4.84 9.20
C PRO B 124 -19.29 -6.13 8.67
N TYR B 125 -18.91 -6.53 7.45
CA TYR B 125 -19.40 -7.73 6.72
C TYR B 125 -18.31 -8.80 6.79
N TYR B 126 -18.69 -10.06 6.61
CA TYR B 126 -17.80 -11.24 6.61
C TYR B 126 -17.21 -11.42 8.01
N GLY B 127 -16.32 -10.54 8.43
CA GLY B 127 -15.81 -10.45 9.81
C GLY B 127 -16.80 -9.66 10.67
N LYS B 128 -18.00 -10.20 10.87
CA LYS B 128 -19.07 -9.44 11.55
C LYS B 128 -18.79 -9.45 13.04
N THR B 129 -19.36 -8.48 13.75
CA THR B 129 -19.04 -8.17 15.17
C THR B 129 -20.35 -8.16 15.97
N SER B 130 -20.25 -7.89 17.26
CA SER B 130 -21.40 -7.75 18.19
C SER B 130 -22.06 -6.37 18.01
N ILE B 131 -23.26 -6.19 18.57
CA ILE B 131 -23.94 -4.86 18.65
C ILE B 131 -22.97 -3.84 19.25
N GLU B 132 -22.34 -4.20 20.37
CA GLU B 132 -21.35 -3.35 21.08
C GLU B 132 -20.22 -3.02 20.10
N GLY B 133 -19.69 -4.02 19.39
CA GLY B 133 -18.61 -3.83 18.40
C GLY B 133 -19.04 -2.88 17.27
N MET B 134 -20.25 -3.08 16.76
CA MET B 134 -20.85 -2.29 15.66
C MET B 134 -20.92 -0.82 16.08
N ASN B 135 -21.42 -0.56 17.29
CA ASN B 135 -21.49 0.84 17.81
C ASN B 135 -20.06 1.39 17.89
N ALA B 136 -19.11 0.70 18.52
CA ALA B 136 -17.69 1.11 18.61
C ALA B 136 -17.16 1.46 17.21
N HIS B 137 -17.40 0.62 16.21
CA HIS B 137 -16.97 0.87 14.81
C HIS B 137 -17.51 2.23 14.31
N PHE B 138 -18.83 2.42 14.37
CA PHE B 138 -19.48 3.63 13.81
C PHE B 138 -19.01 4.89 14.54
N GLN B 139 -18.80 4.82 15.87
CA GLN B 139 -18.43 5.99 16.72
C GLN B 139 -17.04 6.51 16.30
N THR B 140 -16.18 5.69 15.68
CA THR B 140 -14.81 6.14 15.26
C THR B 140 -14.88 7.05 14.03
N VAL B 141 -15.96 7.00 13.25
CA VAL B 141 -16.07 7.76 11.96
C VAL B 141 -17.22 8.78 12.01
N LEU B 142 -18.17 8.64 12.94
CA LEU B 142 -19.42 9.45 12.90
C LEU B 142 -19.05 10.93 13.09
N HIS B 143 -18.03 11.23 13.88
CA HIS B 143 -17.63 12.62 14.23
C HIS B 143 -16.99 13.32 13.03
N MET B 144 -16.56 12.61 11.99
CA MET B 144 -15.75 13.20 10.89
C MET B 144 -16.62 14.05 9.95
N GLY B 145 -17.92 13.78 9.86
CA GLY B 145 -18.81 14.59 9.00
C GLY B 145 -20.09 13.84 8.63
N PRO B 146 -20.90 14.43 7.71
CA PRO B 146 -22.18 13.87 7.33
C PRO B 146 -22.03 12.40 6.92
N THR B 147 -22.71 11.51 7.63
CA THR B 147 -22.57 10.04 7.48
C THR B 147 -23.92 9.43 7.17
N ILE B 148 -23.98 8.57 6.14
CA ILE B 148 -25.16 7.71 5.88
C ILE B 148 -24.80 6.28 6.30
N ILE B 149 -25.60 5.70 7.17
CA ILE B 149 -25.43 4.30 7.66
C ILE B 149 -26.13 3.38 6.66
N TYR B 150 -25.42 2.38 6.16
CA TYR B 150 -25.88 1.46 5.10
C TYR B 150 -26.25 0.12 5.74
N ASN B 151 -27.54 -0.21 5.77
CA ASN B 151 -28.04 -1.54 6.21
C ASN B 151 -28.42 -2.35 4.97
N VAL B 152 -27.66 -3.42 4.68
CA VAL B 152 -27.90 -4.30 3.50
C VAL B 152 -27.67 -5.75 3.94
N PRO B 153 -28.58 -6.29 4.78
CA PRO B 153 -28.41 -7.63 5.36
C PRO B 153 -28.18 -8.73 4.32
N GLY B 154 -28.79 -8.60 3.14
CA GLY B 154 -28.56 -9.53 2.01
C GLY B 154 -27.09 -9.68 1.62
N ARG B 155 -26.26 -8.64 1.80
CA ARG B 155 -24.82 -8.69 1.41
C ARG B 155 -23.93 -8.85 2.65
N THR B 156 -24.26 -8.22 3.78
CA THR B 156 -23.40 -8.23 4.99
C THR B 156 -23.68 -9.48 5.82
N CYS B 157 -24.85 -10.10 5.65
CA CYS B 157 -25.37 -11.21 6.49
C CYS B 157 -25.55 -10.78 7.95
N GLN B 158 -25.74 -9.48 8.19
CA GLN B 158 -25.98 -8.95 9.55
C GLN B 158 -26.84 -7.69 9.45
N ASP B 159 -28.05 -7.81 9.95
CA ASP B 159 -29.01 -6.69 10.06
C ASP B 159 -28.46 -5.72 11.11
N ILE B 160 -28.37 -4.42 10.77
CA ILE B 160 -28.16 -3.33 11.77
C ILE B 160 -29.52 -3.11 12.44
N PRO B 161 -29.69 -3.52 13.72
CA PRO B 161 -31.00 -3.47 14.36
C PRO B 161 -31.38 -2.04 14.72
N PRO B 162 -32.69 -1.73 14.77
CA PRO B 162 -33.17 -0.38 15.10
C PRO B 162 -32.55 0.25 16.36
N GLN B 163 -32.31 -0.53 17.41
CA GLN B 163 -31.68 0.00 18.66
C GLN B 163 -30.37 0.71 18.29
N VAL B 164 -29.57 0.15 17.37
CA VAL B 164 -28.24 0.71 16.95
C VAL B 164 -28.47 2.00 16.16
N ILE B 165 -29.39 2.00 15.19
CA ILE B 165 -29.72 3.17 14.32
C ILE B 165 -30.20 4.31 15.22
N PHE B 166 -31.17 4.04 16.10
CA PHE B 166 -31.71 5.07 17.05
C PHE B 166 -30.57 5.68 17.87
N LYS B 167 -29.66 4.86 18.41
CA LYS B 167 -28.48 5.35 19.16
C LYS B 167 -27.62 6.26 18.27
N LEU B 168 -27.31 5.83 17.03
CA LEU B 168 -26.43 6.61 16.10
C LEU B 168 -27.10 7.93 15.74
N SER B 169 -28.43 7.94 15.57
CA SER B 169 -29.22 9.13 15.19
C SER B 169 -29.16 10.21 16.27
N GLN B 170 -28.60 9.92 17.46
CA GLN B 170 -28.36 10.94 18.52
C GLN B 170 -27.20 11.83 18.09
N ASN B 171 -26.29 11.34 17.24
CA ASN B 171 -25.17 12.16 16.74
C ASN B 171 -25.69 13.08 15.64
N PRO B 172 -25.42 14.41 15.69
CA PRO B 172 -25.87 15.34 14.65
C PRO B 172 -25.30 15.03 13.25
N ASN B 173 -24.16 14.34 13.17
CA ASN B 173 -23.51 13.97 11.90
C ASN B 173 -24.23 12.78 11.24
N MET B 174 -25.07 12.02 11.94
CA MET B 174 -25.82 10.93 11.28
C MET B 174 -26.89 11.55 10.39
N ALA B 175 -26.61 11.67 9.09
CA ALA B 175 -27.53 12.26 8.09
C ALA B 175 -28.77 11.36 7.97
N GLY B 176 -28.58 10.04 7.90
CA GLY B 176 -29.69 9.10 7.68
C GLY B 176 -29.22 7.69 7.37
N VAL B 177 -30.15 6.86 6.92
CA VAL B 177 -29.93 5.41 6.65
C VAL B 177 -30.20 5.13 5.16
N LYS B 178 -29.29 4.39 4.51
CA LYS B 178 -29.60 3.64 3.28
C LYS B 178 -30.14 2.27 3.72
N GLU B 179 -31.44 2.06 3.60
CA GLU B 179 -32.14 0.88 4.18
C GLU B 179 -32.60 -0.06 3.06
N CYS B 180 -32.30 -1.35 3.20
CA CYS B 180 -32.61 -2.39 2.20
C CYS B 180 -33.51 -3.47 2.79
N VAL B 181 -33.83 -3.42 4.09
CA VAL B 181 -34.68 -4.46 4.74
C VAL B 181 -36.10 -4.41 4.18
N GLY B 182 -36.62 -3.23 3.88
CA GLY B 182 -37.96 -3.06 3.28
C GLY B 182 -38.75 -1.90 3.89
N ASN B 183 -39.95 -1.68 3.35
CA ASN B 183 -40.83 -0.51 3.63
C ASN B 183 -41.20 -0.46 5.11
N ASN B 184 -41.39 -1.61 5.78
CA ASN B 184 -41.80 -1.63 7.21
C ASN B 184 -40.65 -1.14 8.08
N ARG B 185 -39.41 -1.53 7.77
CA ARG B 185 -38.23 -1.00 8.51
C ARG B 185 -38.08 0.49 8.20
N VAL B 186 -38.27 0.88 6.94
CA VAL B 186 -38.19 2.31 6.50
C VAL B 186 -39.11 3.14 7.40
N GLU B 187 -40.34 2.67 7.61
CA GLU B 187 -41.42 3.42 8.30
C GLU B 187 -41.06 3.55 9.78
N GLU B 188 -40.50 2.49 10.36
CA GLU B 188 -39.99 2.49 11.75
C GLU B 188 -39.08 3.71 11.96
N TYR B 189 -38.26 4.05 10.97
CA TYR B 189 -37.24 5.13 11.12
C TYR B 189 -37.88 6.49 10.78
N THR B 190 -38.62 6.59 9.67
CA THR B 190 -39.16 7.88 9.16
C THR B 190 -40.21 8.43 10.13
N GLU B 191 -41.03 7.56 10.74
CA GLU B 191 -42.12 7.98 11.67
CA GLU B 191 -42.11 8.03 11.63
C GLU B 191 -41.49 8.62 12.90
N LYS B 192 -40.23 8.30 13.21
CA LYS B 192 -39.46 8.93 14.33
C LYS B 192 -38.63 10.13 13.83
N GLY B 193 -38.71 10.50 12.56
CA GLY B 193 -38.01 11.69 12.04
C GLY B 193 -36.60 11.41 11.54
N ILE B 194 -36.20 10.14 11.41
CA ILE B 194 -34.87 9.77 10.82
C ILE B 194 -35.02 9.74 9.29
N VAL B 195 -34.11 10.42 8.57
CA VAL B 195 -34.10 10.48 7.08
C VAL B 195 -33.69 9.11 6.58
N VAL B 196 -34.45 8.55 5.64
CA VAL B 196 -34.14 7.23 5.01
C VAL B 196 -34.16 7.36 3.50
N TRP B 197 -33.15 6.79 2.84
CA TRP B 197 -33.16 6.48 1.39
C TRP B 197 -33.36 4.97 1.24
N SER B 198 -34.27 4.55 0.38
CA SER B 198 -34.40 3.14 -0.03
C SER B 198 -33.14 2.77 -0.83
N GLY B 199 -32.60 1.58 -0.58
CA GLY B 199 -31.55 0.98 -1.43
C GLY B 199 -32.12 -0.09 -2.33
N ASN B 200 -33.44 -0.20 -2.42
CA ASN B 200 -34.14 -1.18 -3.30
C ASN B 200 -34.92 -0.40 -4.35
N ASP B 201 -34.42 -0.36 -5.57
CA ASP B 201 -35.03 0.40 -6.69
C ASP B 201 -36.49 -0.02 -6.88
N ASP B 202 -36.80 -1.32 -6.77
CA ASP B 202 -38.17 -1.86 -7.04
C ASP B 202 -39.11 -1.52 -5.87
N GLN B 203 -38.58 -1.04 -4.74
CA GLN B 203 -39.40 -0.60 -3.58
C GLN B 203 -39.40 0.93 -3.45
N CYS B 204 -38.50 1.66 -4.12
CA CYS B 204 -38.22 3.07 -3.73
C CYS B 204 -39.44 3.96 -3.99
N HIS B 205 -40.26 3.65 -5.00
CA HIS B 205 -41.48 4.44 -5.28
C HIS B 205 -42.42 4.37 -4.09
N ASP B 206 -42.80 3.18 -3.66
CA ASP B 206 -43.75 3.01 -2.53
C ASP B 206 -43.08 3.53 -1.23
N SER B 207 -41.79 3.29 -1.02
CA SER B 207 -41.05 3.82 0.16
C SER B 207 -41.22 5.34 0.22
N ARG B 208 -41.04 6.01 -0.92
CA ARG B 208 -41.03 7.49 -1.01
C ARG B 208 -42.41 8.06 -0.63
N TRP B 209 -43.48 7.56 -1.25
CA TRP B 209 -44.83 8.19 -1.20
C TRP B 209 -45.69 7.59 -0.09
N ASP B 210 -45.38 6.41 0.42
CA ASP B 210 -46.26 5.70 1.39
C ASP B 210 -45.54 5.41 2.72
N HIS B 211 -44.22 5.53 2.82
CA HIS B 211 -43.50 5.16 4.06
C HIS B 211 -42.50 6.24 4.48
N GLY B 212 -42.57 7.42 3.86
CA GLY B 212 -41.86 8.61 4.34
C GLY B 212 -40.37 8.63 4.00
N ALA B 213 -39.91 7.79 3.06
CA ALA B 213 -38.50 7.83 2.57
C ALA B 213 -38.27 9.17 1.84
N THR B 214 -37.12 9.80 2.07
CA THR B 214 -36.72 11.08 1.42
C THR B 214 -36.45 10.82 -0.07
N GLY B 215 -35.93 9.64 -0.41
CA GLY B 215 -35.65 9.29 -1.81
C GLY B 215 -34.94 7.96 -1.92
N VAL B 216 -34.02 7.87 -2.89
CA VAL B 216 -33.39 6.58 -3.28
C VAL B 216 -31.88 6.79 -3.45
N ILE B 217 -31.09 5.82 -3.01
CA ILE B 217 -29.69 5.61 -3.46
C ILE B 217 -29.78 4.45 -4.46
N SER B 218 -29.63 4.78 -5.74
CA SER B 218 -30.18 4.04 -6.91
C SER B 218 -29.06 3.45 -7.77
N VAL B 219 -29.26 2.19 -8.19
CA VAL B 219 -28.55 1.53 -9.32
C VAL B 219 -29.21 1.94 -10.64
N THR B 220 -30.54 1.87 -10.72
CA THR B 220 -31.33 2.08 -11.96
C THR B 220 -31.06 3.48 -12.54
N SER B 221 -30.79 4.50 -11.72
CA SER B 221 -30.55 5.90 -12.22
C SER B 221 -29.28 5.96 -13.10
N ASN B 222 -28.39 4.96 -13.00
CA ASN B 222 -27.26 4.81 -13.97
C ASN B 222 -27.80 4.70 -15.40
N LEU B 223 -28.94 4.04 -15.59
CA LEU B 223 -29.54 3.80 -16.93
C LEU B 223 -30.57 4.89 -17.28
N VAL B 224 -31.51 5.19 -16.37
CA VAL B 224 -32.69 6.07 -16.66
C VAL B 224 -32.79 7.15 -15.58
N PRO B 225 -31.78 8.04 -15.45
CA PRO B 225 -31.75 9.02 -14.37
C PRO B 225 -32.98 9.93 -14.35
N GLY B 226 -33.47 10.34 -15.52
CA GLY B 226 -34.62 11.25 -15.67
C GLY B 226 -35.91 10.61 -15.16
N LEU B 227 -36.12 9.35 -15.49
CA LEU B 227 -37.28 8.57 -15.01
C LEU B 227 -37.20 8.43 -13.48
N MET B 228 -36.01 8.15 -12.91
CA MET B 228 -35.88 8.00 -11.43
C MET B 228 -36.10 9.35 -10.74
N ARG B 229 -35.63 10.46 -11.31
CA ARG B 229 -35.91 11.80 -10.75
C ARG B 229 -37.43 12.00 -10.72
N LYS B 230 -38.11 11.66 -11.81
CA LYS B 230 -39.58 11.80 -11.94
C LYS B 230 -40.25 11.02 -10.80
N LEU B 231 -39.85 9.76 -10.61
CA LEU B 231 -40.41 8.87 -9.56
C LEU B 231 -40.28 9.50 -8.17
N MET B 232 -39.25 10.30 -7.89
CA MET B 232 -38.91 10.78 -6.53
C MET B 232 -39.45 12.19 -6.27
N PHE B 233 -39.83 12.94 -7.32
CA PHE B 233 -40.20 14.37 -7.20
C PHE B 233 -41.68 14.63 -7.53
N GLU B 234 -42.27 13.96 -8.51
CA GLU B 234 -43.53 14.43 -9.15
C GLU B 234 -44.74 13.62 -8.65
N GLY B 235 -44.68 13.05 -7.45
CA GLY B 235 -45.82 12.43 -6.77
C GLY B 235 -45.97 10.97 -7.14
N ARG B 236 -46.95 10.29 -6.55
CA ARG B 236 -47.28 8.87 -6.83
CA ARG B 236 -47.25 8.87 -6.83
C ARG B 236 -47.49 8.73 -8.35
N ASN B 237 -46.91 7.69 -8.94
CA ASN B 237 -47.05 7.33 -10.37
C ASN B 237 -46.84 5.82 -10.48
N SER B 238 -47.86 5.04 -10.10
CA SER B 238 -47.89 3.55 -10.15
C SER B 238 -47.61 3.05 -11.57
N ALA B 239 -48.05 3.77 -12.61
CA ALA B 239 -47.91 3.33 -14.01
C ALA B 239 -46.43 3.37 -14.40
N LEU B 240 -45.77 4.50 -14.18
CA LEU B 240 -44.32 4.67 -14.45
C LEU B 240 -43.53 3.64 -13.66
N ASN B 241 -43.84 3.47 -12.37
CA ASN B 241 -43.18 2.49 -11.48
C ASN B 241 -43.34 1.08 -12.07
N ALA B 242 -44.53 0.70 -12.52
CA ALA B 242 -44.81 -0.63 -13.13
C ALA B 242 -44.00 -0.81 -14.41
N LYS B 243 -43.80 0.25 -15.19
CA LYS B 243 -43.10 0.17 -16.49
C LYS B 243 -41.59 0.03 -16.30
N LEU B 244 -41.04 0.43 -15.14
CA LEU B 244 -39.60 0.27 -14.84
C LEU B 244 -39.34 -1.12 -14.26
N LEU B 245 -40.37 -1.83 -13.77
CA LEU B 245 -40.16 -3.11 -13.04
C LEU B 245 -39.41 -4.12 -13.92
N PRO B 246 -39.80 -4.37 -15.19
CA PRO B 246 -39.06 -5.34 -16.02
C PRO B 246 -37.56 -4.99 -16.09
N LEU B 247 -37.23 -3.73 -16.32
CA LEU B 247 -35.82 -3.25 -16.29
C LEU B 247 -35.21 -3.54 -14.91
N MET B 248 -35.91 -3.26 -13.82
CA MET B 248 -35.34 -3.48 -12.46
C MET B 248 -35.16 -4.98 -12.19
N ASP B 249 -36.08 -5.86 -12.59
CA ASP B 249 -35.85 -7.33 -12.41
C ASP B 249 -34.61 -7.75 -13.21
N TRP B 250 -34.48 -7.26 -14.44
CA TRP B 250 -33.35 -7.61 -15.33
C TRP B 250 -32.02 -7.21 -14.66
N LEU B 251 -31.97 -6.05 -14.01
CA LEU B 251 -30.74 -5.48 -13.39
C LEU B 251 -30.30 -6.31 -12.19
N PHE B 252 -31.16 -7.16 -11.62
CA PHE B 252 -30.89 -7.84 -10.34
C PHE B 252 -31.07 -9.36 -10.47
N GLN B 253 -31.16 -9.91 -11.69
CA GLN B 253 -31.30 -11.39 -11.87
C GLN B 253 -29.99 -12.06 -11.42
N GLU B 254 -28.83 -11.42 -11.66
CA GLU B 254 -27.53 -11.78 -11.04
C GLU B 254 -27.10 -10.65 -10.12
N PRO B 255 -26.16 -10.87 -9.17
CA PRO B 255 -25.80 -9.83 -8.20
C PRO B 255 -25.27 -8.53 -8.84
N ASN B 256 -25.84 -7.40 -8.45
CA ASN B 256 -25.35 -6.04 -8.81
C ASN B 256 -23.85 -6.01 -8.50
N PRO B 257 -22.96 -5.43 -9.35
CA PRO B 257 -23.32 -4.72 -10.57
C PRO B 257 -23.15 -5.44 -11.91
N ILE B 258 -23.38 -6.74 -11.97
CA ILE B 258 -23.26 -7.51 -13.24
C ILE B 258 -24.24 -6.93 -14.28
N GLY B 259 -25.49 -6.66 -13.91
CA GLY B 259 -26.52 -6.12 -14.81
C GLY B 259 -26.15 -4.74 -15.33
N VAL B 260 -25.86 -3.80 -14.43
CA VAL B 260 -25.60 -2.39 -14.82
C VAL B 260 -24.29 -2.34 -15.64
N ASN B 261 -23.30 -3.17 -15.33
CA ASN B 261 -22.02 -3.24 -16.11
C ASN B 261 -22.33 -3.71 -17.53
N THR B 262 -23.16 -4.74 -17.70
CA THR B 262 -23.59 -5.25 -19.02
C THR B 262 -24.37 -4.16 -19.78
N ALA B 263 -25.42 -3.61 -19.17
CA ALA B 263 -26.28 -2.56 -19.78
C ALA B 263 -25.45 -1.37 -20.24
N LEU B 264 -24.55 -0.84 -19.41
CA LEU B 264 -23.82 0.41 -19.80
C LEU B 264 -22.91 0.11 -21.00
N ALA B 265 -22.44 -1.13 -21.13
CA ALA B 265 -21.65 -1.57 -22.31
C ALA B 265 -22.59 -1.61 -23.52
N GLN B 266 -23.75 -2.22 -23.37
CA GLN B 266 -24.77 -2.34 -24.44
C GLN B 266 -25.20 -0.96 -24.93
N LEU B 267 -25.22 0.06 -24.06
CA LEU B 267 -25.64 1.45 -24.42
C LEU B 267 -24.42 2.25 -24.93
N GLY B 268 -23.23 1.67 -24.83
CA GLY B 268 -21.98 2.25 -25.36
C GLY B 268 -21.51 3.44 -24.56
N VAL B 269 -21.82 3.52 -23.26
CA VAL B 269 -21.33 4.62 -22.36
C VAL B 269 -20.17 4.12 -21.49
N ALA B 270 -19.93 2.83 -21.44
CA ALA B 270 -18.75 2.19 -20.81
C ALA B 270 -18.22 1.13 -21.75
N ARG B 271 -16.90 0.92 -21.77
CA ARG B 271 -16.27 -0.18 -22.52
C ARG B 271 -16.73 -1.51 -21.91
N PRO B 272 -16.77 -2.60 -22.70
CA PRO B 272 -17.16 -3.91 -22.19
C PRO B 272 -16.00 -4.60 -21.45
N VAL B 273 -15.54 -3.97 -20.37
CA VAL B 273 -14.39 -4.43 -19.53
C VAL B 273 -14.91 -4.69 -18.11
N PHE B 274 -14.73 -5.92 -17.62
CA PHE B 274 -15.08 -6.38 -16.27
C PHE B 274 -13.82 -6.70 -15.46
N ARG B 275 -13.73 -6.15 -14.26
CA ARG B 275 -12.82 -6.63 -13.19
C ARG B 275 -13.48 -7.86 -12.55
N LEU B 276 -12.75 -8.96 -12.44
CA LEU B 276 -13.22 -10.20 -11.79
C LEU B 276 -13.37 -9.87 -10.31
N PRO B 277 -14.30 -10.52 -9.56
CA PRO B 277 -15.01 -11.72 -10.00
C PRO B 277 -16.32 -11.50 -10.77
N TYR B 278 -16.53 -10.30 -11.31
CA TYR B 278 -17.75 -9.99 -12.11
C TYR B 278 -17.51 -10.39 -13.56
N VAL B 279 -18.57 -10.91 -14.19
CA VAL B 279 -18.60 -11.30 -15.64
C VAL B 279 -19.97 -10.93 -16.20
N PRO B 280 -20.07 -10.65 -17.51
CA PRO B 280 -21.31 -10.11 -18.08
C PRO B 280 -22.46 -11.13 -18.06
N LEU B 281 -23.70 -10.62 -18.05
CA LEU B 281 -24.89 -11.44 -18.38
C LEU B 281 -24.65 -12.05 -19.75
N PRO B 282 -25.07 -13.32 -19.96
CA PRO B 282 -24.89 -13.98 -21.26
C PRO B 282 -25.82 -13.43 -22.36
N LEU B 283 -25.64 -13.92 -23.58
CA LEU B 283 -26.25 -13.37 -24.84
C LEU B 283 -27.78 -13.28 -24.74
N SER B 284 -28.46 -14.32 -24.25
CA SER B 284 -29.93 -14.37 -24.15
C SER B 284 -30.43 -13.15 -23.35
N LYS B 285 -29.68 -12.76 -22.31
CA LYS B 285 -30.05 -11.62 -21.43
C LYS B 285 -29.74 -10.31 -22.14
N ARG B 286 -28.67 -10.26 -22.91
CA ARG B 286 -28.30 -9.03 -23.65
C ARG B 286 -29.39 -8.77 -24.70
N ILE B 287 -29.97 -9.82 -25.30
CA ILE B 287 -31.07 -9.71 -26.29
C ILE B 287 -32.32 -9.18 -25.58
N GLU B 288 -32.67 -9.72 -24.41
CA GLU B 288 -33.75 -9.18 -23.54
C GLU B 288 -33.49 -7.69 -23.29
N PHE B 289 -32.25 -7.29 -22.99
CA PHE B 289 -31.98 -5.88 -22.64
C PHE B 289 -32.40 -5.02 -23.83
N VAL B 290 -32.04 -5.41 -25.04
CA VAL B 290 -32.36 -4.60 -26.26
C VAL B 290 -33.88 -4.42 -26.35
N LYS B 291 -34.64 -5.46 -26.01
CA LYS B 291 -36.13 -5.48 -26.02
C LYS B 291 -36.65 -4.49 -24.97
N LEU B 292 -36.15 -4.57 -23.73
CA LEU B 292 -36.55 -3.66 -22.60
C LEU B 292 -36.34 -2.21 -23.02
N VAL B 293 -35.22 -1.93 -23.69
CA VAL B 293 -34.86 -0.56 -24.15
C VAL B 293 -35.86 -0.08 -25.21
N LYS B 294 -36.23 -0.95 -26.15
CA LYS B 294 -37.27 -0.67 -27.18
C LYS B 294 -38.61 -0.34 -26.47
N GLU B 295 -39.08 -1.21 -25.56
CA GLU B 295 -40.36 -1.06 -24.81
CA GLU B 295 -40.37 -1.04 -24.84
C GLU B 295 -40.42 0.33 -24.16
N ILE B 296 -39.33 0.74 -23.49
CA ILE B 296 -39.30 2.01 -22.72
C ILE B 296 -39.03 3.19 -23.65
N GLY B 297 -38.17 3.04 -24.67
CA GLY B 297 -37.66 4.14 -25.49
C GLY B 297 -36.21 4.45 -25.16
N ARG B 298 -35.33 4.35 -26.17
CA ARG B 298 -33.86 4.57 -26.08
C ARG B 298 -33.60 5.97 -25.54
N GLU B 299 -34.46 6.94 -25.86
CA GLU B 299 -34.26 8.38 -25.52
C GLU B 299 -34.18 8.55 -23.99
N HIS B 300 -34.74 7.60 -23.22
CA HIS B 300 -34.81 7.67 -21.73
C HIS B 300 -33.54 7.07 -21.10
N PHE B 301 -32.74 6.34 -21.87
CA PHE B 301 -31.50 5.69 -21.38
C PHE B 301 -30.30 6.60 -21.67
N VAL B 302 -29.25 6.51 -20.85
CA VAL B 302 -28.03 7.35 -21.01
C VAL B 302 -27.39 7.03 -22.37
N GLY B 303 -26.73 8.02 -22.95
CA GLY B 303 -25.92 7.87 -24.18
C GLY B 303 -26.72 8.13 -25.44
N ASP B 304 -26.03 8.23 -26.58
CA ASP B 304 -26.59 8.64 -27.89
C ASP B 304 -26.52 7.48 -28.89
N ARG B 305 -25.75 6.43 -28.60
CA ARG B 305 -25.45 5.34 -29.57
CA ARG B 305 -25.45 5.35 -29.57
C ARG B 305 -26.60 4.33 -29.53
N ASP B 306 -26.98 3.80 -30.70
CA ASP B 306 -27.99 2.71 -30.78
C ASP B 306 -27.52 1.62 -29.82
N VAL B 307 -28.44 1.02 -29.06
CA VAL B 307 -28.13 -0.09 -28.12
C VAL B 307 -27.62 -1.26 -28.95
N GLN B 308 -26.59 -1.98 -28.49
CA GLN B 308 -26.06 -3.19 -29.15
C GLN B 308 -26.30 -4.41 -28.26
N VAL B 309 -26.36 -5.59 -28.87
CA VAL B 309 -26.42 -6.89 -28.14
C VAL B 309 -25.02 -7.19 -27.59
N LEU B 310 -23.99 -6.98 -28.44
CA LEU B 310 -22.55 -7.28 -28.21
C LEU B 310 -22.32 -8.81 -28.28
N ASP B 311 -21.19 -9.20 -28.86
CA ASP B 311 -20.72 -10.61 -28.95
C ASP B 311 -19.98 -10.93 -27.65
N ASP B 312 -20.09 -12.18 -27.20
CA ASP B 312 -19.29 -12.77 -26.09
C ASP B 312 -17.84 -12.27 -26.14
N ASP B 313 -17.23 -12.31 -27.33
CA ASP B 313 -15.79 -11.98 -27.56
C ASP B 313 -15.53 -10.47 -27.48
N ASP B 314 -16.55 -9.61 -27.39
CA ASP B 314 -16.36 -8.15 -27.16
C ASP B 314 -15.97 -7.90 -25.68
N PHE B 315 -16.27 -8.83 -24.77
CA PHE B 315 -16.06 -8.66 -23.31
C PHE B 315 -14.61 -9.03 -22.92
N ILE B 316 -13.99 -8.18 -22.12
CA ILE B 316 -12.63 -8.40 -21.55
C ILE B 316 -12.79 -8.61 -20.03
N LEU B 317 -12.30 -9.75 -19.51
CA LEU B 317 -12.24 -10.07 -18.05
C LEU B 317 -10.79 -9.88 -17.58
N ILE B 318 -10.57 -9.08 -16.54
CA ILE B 318 -9.23 -8.75 -15.96
C ILE B 318 -9.20 -9.28 -14.52
N GLY B 319 -8.21 -10.10 -14.18
CA GLY B 319 -7.90 -10.53 -12.80
C GLY B 319 -6.76 -9.72 -12.22
N ARG B 320 -5.73 -9.45 -13.02
CA ARG B 320 -4.49 -8.77 -12.59
C ARG B 320 -4.55 -7.30 -13.01
N TYR B 321 -5.44 -6.49 -12.39
CA TYR B 321 -5.70 -5.07 -12.76
C TYR B 321 -4.78 -4.16 -11.96
N ARG C 13 24.93 -13.49 18.14
CA ARG C 13 26.37 -13.39 18.55
C ARG C 13 27.22 -14.13 17.51
N THR C 14 27.00 -15.44 17.35
CA THR C 14 27.66 -16.29 16.31
C THR C 14 26.94 -16.10 14.97
N ASN C 15 25.68 -15.60 15.01
CA ASN C 15 24.93 -15.14 13.81
C ASN C 15 25.69 -14.02 13.11
N THR C 16 26.20 -13.05 13.88
CA THR C 16 26.99 -11.88 13.40
C THR C 16 28.37 -12.34 12.92
N ASP C 17 29.00 -13.32 13.60
CA ASP C 17 30.34 -13.82 13.21
C ASP C 17 30.20 -14.67 11.95
N ASP C 18 29.06 -15.37 11.79
CA ASP C 18 28.72 -16.14 10.56
C ASP C 18 28.68 -15.18 9.35
N ILE C 19 28.25 -13.93 9.54
CA ILE C 19 28.23 -12.91 8.45
C ILE C 19 29.65 -12.37 8.23
N ARG C 20 30.38 -12.11 9.33
CA ARG C 20 31.74 -11.52 9.32
C ARG C 20 32.73 -12.40 8.54
N SER C 21 32.50 -13.70 8.45
CA SER C 21 33.46 -14.66 7.84
C SER C 21 33.21 -14.82 6.33
N LEU C 22 32.07 -14.33 5.82
CA LEU C 22 31.72 -14.43 4.38
C LEU C 22 32.74 -13.60 3.58
N ARG C 23 33.31 -14.16 2.53
CA ARG C 23 34.27 -13.46 1.65
C ARG C 23 33.58 -13.04 0.34
N VAL C 24 32.67 -13.87 -0.18
CA VAL C 24 31.93 -13.57 -1.45
C VAL C 24 30.44 -13.47 -1.18
N ILE C 25 29.93 -12.25 -1.22
CA ILE C 25 28.48 -11.91 -1.17
C ILE C 25 28.05 -11.36 -2.55
N THR C 26 27.07 -11.99 -3.18
CA THR C 26 26.52 -11.56 -4.50
C THR C 26 25.34 -10.62 -4.27
N ALA C 27 25.43 -9.39 -4.77
CA ALA C 27 24.29 -8.44 -4.89
C ALA C 27 23.46 -8.91 -6.09
N ILE C 28 22.55 -9.85 -5.85
CA ILE C 28 21.90 -10.69 -6.90
C ILE C 28 20.93 -9.81 -7.69
N LYS C 29 20.86 -10.05 -9.01
CA LYS C 29 19.94 -9.37 -9.95
C LYS C 29 18.54 -9.95 -9.77
N THR C 30 17.53 -9.09 -9.78
CA THR C 30 16.10 -9.48 -9.75
C THR C 30 15.61 -9.57 -11.20
N PRO C 31 15.34 -10.79 -11.71
CA PRO C 31 14.83 -10.99 -13.07
C PRO C 31 13.31 -10.88 -13.21
N TYR C 32 12.82 -10.50 -14.40
CA TYR C 32 11.41 -10.09 -14.63
C TYR C 32 10.81 -10.90 -15.75
N LEU C 33 9.49 -11.13 -15.67
CA LEU C 33 8.65 -11.66 -16.77
C LEU C 33 8.17 -10.48 -17.61
N PRO C 34 7.62 -10.71 -18.82
CA PRO C 34 7.31 -9.63 -19.75
C PRO C 34 6.46 -8.44 -19.27
N ASP C 35 5.58 -8.61 -18.28
CA ASP C 35 4.77 -7.47 -17.77
C ASP C 35 5.44 -6.82 -16.54
N GLY C 36 6.65 -7.25 -16.18
CA GLY C 36 7.49 -6.60 -15.15
C GLY C 36 7.40 -7.27 -13.79
N ARG C 37 6.50 -8.25 -13.63
CA ARG C 37 6.43 -9.04 -12.37
C ARG C 37 7.72 -9.86 -12.23
N PHE C 38 8.09 -10.25 -11.01
CA PHE C 38 9.31 -11.08 -10.77
C PHE C 38 9.19 -12.42 -11.49
N ASP C 39 10.31 -12.90 -12.05
CA ASP C 39 10.48 -14.25 -12.66
C ASP C 39 11.11 -15.14 -11.59
N LEU C 40 10.29 -15.76 -10.75
CA LEU C 40 10.85 -16.53 -9.60
C LEU C 40 11.66 -17.73 -10.11
N GLN C 41 11.30 -18.33 -11.25
CA GLN C 41 12.04 -19.50 -11.79
C GLN C 41 13.45 -19.04 -12.18
N ALA C 42 13.57 -17.94 -12.94
CA ALA C 42 14.87 -17.36 -13.36
C ALA C 42 15.69 -17.01 -12.10
N TYR C 43 15.08 -16.38 -11.11
CA TYR C 43 15.74 -15.94 -9.85
C TYR C 43 16.34 -17.15 -9.13
N ASP C 44 15.55 -18.21 -8.96
CA ASP C 44 15.96 -19.48 -8.30
C ASP C 44 17.19 -20.07 -9.01
N ASP C 45 17.16 -20.11 -10.35
CA ASP C 45 18.26 -20.63 -11.19
C ASP C 45 19.50 -19.76 -10.95
N LEU C 46 19.37 -18.44 -10.84
CA LEU C 46 20.52 -17.53 -10.59
C LEU C 46 21.10 -17.83 -9.21
N VAL C 47 20.27 -17.95 -8.16
CA VAL C 47 20.75 -18.16 -6.76
C VAL C 47 21.41 -19.54 -6.66
N ASN C 48 20.82 -20.56 -7.29
CA ASN C 48 21.43 -21.92 -7.36
C ASN C 48 22.81 -21.84 -8.00
N THR C 49 22.94 -21.15 -9.14
CA THR C 49 24.23 -20.99 -9.85
C THR C 49 25.25 -20.37 -8.89
N GLN C 50 24.85 -19.35 -8.11
CA GLN C 50 25.75 -18.64 -7.17
C GLN C 50 26.23 -19.62 -6.08
N ILE C 51 25.34 -20.46 -5.55
CA ILE C 51 25.67 -21.43 -4.47
C ILE C 51 26.67 -22.43 -5.05
N GLU C 52 26.36 -22.99 -6.21
CA GLU C 52 27.18 -24.03 -6.90
C GLU C 52 28.60 -23.51 -7.12
N ASN C 53 28.79 -22.19 -7.27
CA ASN C 53 30.10 -21.58 -7.65
C ASN C 53 30.74 -20.85 -6.46
N GLY C 54 30.28 -21.12 -5.23
CA GLY C 54 30.97 -20.72 -4.00
C GLY C 54 30.66 -19.30 -3.52
N ALA C 55 29.51 -18.72 -3.92
CA ALA C 55 28.94 -17.53 -3.26
C ALA C 55 28.48 -17.95 -1.87
N GLU C 56 28.83 -17.17 -0.84
CA GLU C 56 28.51 -17.52 0.58
C GLU C 56 27.32 -16.71 1.10
N GLY C 57 26.99 -15.58 0.46
CA GLY C 57 25.84 -14.74 0.84
C GLY C 57 25.20 -14.09 -0.38
N VAL C 58 23.94 -13.68 -0.25
CA VAL C 58 23.19 -12.86 -1.26
C VAL C 58 22.59 -11.66 -0.56
N ILE C 59 22.71 -10.49 -1.19
CA ILE C 59 21.88 -9.29 -0.89
C ILE C 59 20.63 -9.39 -1.75
N VAL C 60 19.45 -9.41 -1.10
CA VAL C 60 18.13 -9.44 -1.79
C VAL C 60 17.57 -8.03 -1.82
N GLY C 61 17.34 -7.52 -3.04
CA GLY C 61 16.74 -6.20 -3.27
C GLY C 61 17.70 -5.09 -2.91
N GLY C 62 18.98 -5.28 -3.18
CA GLY C 62 19.99 -4.21 -3.12
C GLY C 62 19.89 -3.34 -4.35
N THR C 63 20.88 -2.49 -4.60
CA THR C 63 20.89 -1.57 -5.77
C THR C 63 20.91 -2.43 -7.05
N THR C 64 21.75 -3.46 -7.08
CA THR C 64 21.87 -4.39 -8.24
C THR C 64 20.54 -5.13 -8.42
N GLY C 65 19.86 -5.42 -7.31
CA GLY C 65 18.57 -6.14 -7.24
C GLY C 65 17.38 -5.24 -7.49
N GLU C 66 17.60 -3.93 -7.69
CA GLU C 66 16.53 -2.93 -8.01
C GLU C 66 15.49 -2.88 -6.89
N GLY C 67 15.96 -2.88 -5.64
CA GLY C 67 15.10 -2.78 -4.44
C GLY C 67 14.31 -1.48 -4.41
N GLN C 68 14.91 -0.38 -4.90
CA GLN C 68 14.28 0.97 -5.03
C GLN C 68 13.05 0.90 -5.97
N LEU C 69 12.96 -0.06 -6.89
CA LEU C 69 11.80 -0.20 -7.81
C LEU C 69 10.78 -1.18 -7.26
N MET C 70 11.04 -1.80 -6.10
CA MET C 70 10.13 -2.83 -5.53
C MET C 70 9.08 -2.16 -4.66
N SER C 71 7.83 -2.61 -4.76
CA SER C 71 6.83 -2.39 -3.69
C SER C 71 7.24 -3.25 -2.50
N TRP C 72 6.95 -2.81 -1.29
CA TRP C 72 7.47 -3.49 -0.08
C TRP C 72 6.94 -4.94 -0.01
N ASP C 73 5.78 -5.23 -0.57
CA ASP C 73 5.21 -6.61 -0.47
C ASP C 73 6.03 -7.56 -1.36
N GLU C 74 6.43 -7.12 -2.56
CA GLU C 74 7.34 -7.89 -3.46
C GLU C 74 8.63 -8.19 -2.71
N HIS C 75 9.21 -7.16 -2.12
CA HIS C 75 10.53 -7.20 -1.46
C HIS C 75 10.51 -8.22 -0.31
N ILE C 76 9.58 -8.13 0.66
CA ILE C 76 9.52 -9.13 1.77
C ILE C 76 9.20 -10.49 1.19
N MET C 77 8.34 -10.58 0.17
CA MET C 77 8.06 -11.89 -0.47
C MET C 77 9.40 -12.47 -0.95
N LEU C 78 10.24 -11.65 -1.57
CA LEU C 78 11.49 -12.14 -2.20
C LEU C 78 12.48 -12.58 -1.11
N ILE C 79 12.53 -11.85 0.01
CA ILE C 79 13.40 -12.22 1.16
C ILE C 79 12.93 -13.56 1.75
N GLY C 80 11.65 -13.67 2.11
CA GLY C 80 11.02 -14.89 2.64
C GLY C 80 11.19 -16.09 1.71
N HIS C 81 10.96 -15.89 0.40
CA HIS C 81 11.18 -16.91 -0.65
C HIS C 81 12.63 -17.39 -0.62
N THR C 82 13.59 -16.47 -0.56
CA THR C 82 15.05 -16.75 -0.62
C THR C 82 15.48 -17.50 0.64
N VAL C 83 14.97 -17.10 1.81
CA VAL C 83 15.22 -17.82 3.09
C VAL C 83 14.59 -19.22 3.00
N ASN C 84 13.33 -19.32 2.59
CA ASN C 84 12.62 -20.60 2.54
C ASN C 84 13.39 -21.57 1.62
N CYS C 85 13.75 -21.16 0.41
CA CYS C 85 14.35 -22.07 -0.61
C CYS C 85 15.85 -22.28 -0.40
N PHE C 86 16.60 -21.30 0.11
CA PHE C 86 18.09 -21.31 0.06
C PHE C 86 18.75 -21.04 1.42
N GLY C 87 17.97 -20.74 2.46
CA GLY C 87 18.49 -20.27 3.77
C GLY C 87 19.50 -21.22 4.40
N GLY C 88 19.36 -22.52 4.14
CA GLY C 88 20.29 -23.55 4.66
C GLY C 88 21.60 -23.63 3.87
N ARG C 89 21.64 -23.10 2.65
CA ARG C 89 22.78 -23.25 1.71
C ARG C 89 23.51 -21.92 1.50
N ILE C 90 22.92 -20.78 1.88
CA ILE C 90 23.56 -19.45 1.69
C ILE C 90 23.03 -18.51 2.78
N LYS C 91 23.83 -17.55 3.21
CA LYS C 91 23.38 -16.48 4.12
C LYS C 91 22.55 -15.46 3.31
N VAL C 92 21.33 -15.16 3.76
CA VAL C 92 20.42 -14.22 3.09
C VAL C 92 20.40 -12.90 3.87
N ILE C 93 20.92 -11.84 3.24
CA ILE C 93 20.99 -10.46 3.79
C ILE C 93 19.99 -9.59 3.01
N GLY C 94 18.92 -9.14 3.67
CA GLY C 94 17.91 -8.27 3.05
C GLY C 94 18.44 -6.86 2.97
N ASN C 95 18.28 -6.18 1.85
CA ASN C 95 18.51 -4.70 1.81
C ASN C 95 17.23 -4.05 2.34
N THR C 96 17.17 -3.79 3.64
CA THR C 96 15.92 -3.29 4.30
C THR C 96 16.13 -1.86 4.74
N GLY C 97 17.19 -1.19 4.27
CA GLY C 97 17.45 0.23 4.60
C GLY C 97 16.58 1.15 3.78
N SER C 98 16.59 2.44 4.10
CA SER C 98 15.74 3.46 3.45
C SER C 98 16.18 4.85 3.90
N ASN C 99 15.81 5.90 3.15
CA ASN C 99 16.04 7.31 3.55
C ASN C 99 14.95 7.70 4.57
N SER C 100 13.97 6.83 4.78
CA SER C 100 12.86 6.99 5.76
C SER C 100 13.09 6.04 6.92
N THR C 101 13.28 6.57 8.13
CA THR C 101 13.52 5.75 9.35
C THR C 101 12.35 4.79 9.54
N ARG C 102 11.13 5.25 9.30
CA ARG C 102 9.89 4.46 9.46
C ARG C 102 9.99 3.20 8.57
N GLU C 103 10.38 3.36 7.31
CA GLU C 103 10.47 2.23 6.34
C GLU C 103 11.60 1.28 6.75
N ALA C 104 12.77 1.83 7.12
CA ALA C 104 13.94 1.05 7.56
C ALA C 104 13.53 0.18 8.75
N ILE C 105 12.89 0.77 9.76
CA ILE C 105 12.40 0.05 10.98
C ILE C 105 11.48 -1.10 10.54
N HIS C 106 10.44 -0.75 9.79
CA HIS C 106 9.34 -1.65 9.37
CA HIS C 106 9.34 -1.69 9.45
C HIS C 106 9.91 -2.81 8.56
N ALA C 107 10.68 -2.46 7.53
CA ALA C 107 11.30 -3.43 6.60
C ALA C 107 12.27 -4.34 7.38
N THR C 108 13.11 -3.77 8.24
CA THR C 108 14.16 -4.59 8.94
C THR C 108 13.47 -5.59 9.86
N GLU C 109 12.42 -5.18 10.57
CA GLU C 109 11.77 -6.06 11.57
C GLU C 109 10.97 -7.14 10.84
N GLN C 110 10.32 -6.83 9.72
CA GLN C 110 9.61 -7.86 8.91
C GLN C 110 10.66 -8.80 8.29
N GLY C 111 11.79 -8.25 7.87
CA GLY C 111 12.89 -9.05 7.30
C GLY C 111 13.38 -10.12 8.26
N PHE C 112 13.66 -9.75 9.50
CA PHE C 112 14.20 -10.69 10.52
C PHE C 112 13.11 -11.69 10.90
N ALA C 113 11.84 -11.27 10.96
CA ALA C 113 10.72 -12.16 11.32
C ALA C 113 10.58 -13.26 10.26
N MET C 114 11.05 -13.03 9.04
CA MET C 114 10.94 -14.09 8.00
C MET C 114 12.24 -14.88 7.89
N GLY C 115 13.23 -14.58 8.74
CA GLY C 115 14.38 -15.45 9.02
C GLY C 115 15.63 -15.05 8.26
N MET C 116 15.70 -13.82 7.75
CA MET C 116 16.93 -13.35 7.07
C MET C 116 18.06 -13.33 8.12
N HIS C 117 19.29 -13.62 7.68
CA HIS C 117 20.48 -13.75 8.55
C HIS C 117 21.04 -12.37 8.87
N GLY C 118 20.80 -11.39 8.02
CA GLY C 118 21.38 -10.04 8.18
C GLY C 118 20.62 -8.99 7.39
N ALA C 119 20.94 -7.73 7.65
CA ALA C 119 20.35 -6.55 6.99
C ALA C 119 21.48 -5.64 6.52
N LEU C 120 21.32 -5.09 5.32
CA LEU C 120 22.22 -4.05 4.75
C LEU C 120 21.52 -2.70 4.94
N HIS C 121 22.20 -1.74 5.55
CA HIS C 121 21.62 -0.41 5.88
C HIS C 121 22.49 0.71 5.34
N ILE C 122 21.96 1.47 4.40
CA ILE C 122 22.59 2.68 3.80
C ILE C 122 22.23 3.87 4.70
N ASN C 123 23.00 4.95 4.64
CA ASN C 123 22.61 6.23 5.29
C ASN C 123 21.54 6.89 4.43
N PRO C 124 20.65 7.72 5.01
CA PRO C 124 19.61 8.38 4.22
C PRO C 124 20.18 9.21 3.06
N TYR C 125 19.67 8.93 1.85
CA TYR C 125 20.06 9.56 0.57
C TYR C 125 18.92 10.47 0.10
N TYR C 126 19.26 11.44 -0.75
CA TYR C 126 18.36 12.48 -1.33
C TYR C 126 17.91 13.37 -0.17
N GLY C 127 17.03 12.86 0.70
CA GLY C 127 16.70 13.43 2.01
C GLY C 127 17.81 13.18 3.03
N LYS C 128 18.96 13.82 2.84
CA LYS C 128 20.16 13.59 3.70
C LYS C 128 19.94 14.37 5.01
N THR C 129 20.65 13.98 6.06
CA THR C 129 20.42 14.49 7.43
C THR C 129 21.77 14.86 8.06
N SER C 130 21.73 15.34 9.31
CA SER C 130 22.93 15.71 10.12
C SER C 130 23.61 14.44 10.62
N ILE C 131 24.84 14.57 11.13
CA ILE C 131 25.56 13.45 11.81
C ILE C 131 24.67 12.92 12.94
N GLU C 132 24.07 13.81 13.74
CA GLU C 132 23.20 13.37 14.86
C GLU C 132 21.99 12.63 14.28
N GLY C 133 21.33 13.20 13.25
CA GLY C 133 20.24 12.53 12.52
C GLY C 133 20.65 11.14 12.05
N MET C 134 21.83 11.03 11.46
CA MET C 134 22.32 9.77 10.85
C MET C 134 22.49 8.70 11.94
N ASN C 135 23.09 9.06 13.08
CA ASN C 135 23.26 8.13 14.23
C ASN C 135 21.87 7.70 14.74
N ALA C 136 20.97 8.66 14.98
CA ALA C 136 19.58 8.40 15.43
C ALA C 136 18.95 7.34 14.52
N HIS C 137 19.04 7.52 13.20
CA HIS C 137 18.48 6.59 12.17
C HIS C 137 19.03 5.17 12.38
N PHE C 138 20.35 5.01 12.43
CA PHE C 138 21.00 3.67 12.53
C PHE C 138 20.69 3.00 13.88
N GLN C 139 20.59 3.76 14.98
CA GLN C 139 20.28 3.21 16.34
C GLN C 139 18.89 2.53 16.33
N THR C 140 17.94 2.93 15.48
CA THR C 140 16.56 2.35 15.44
C THR C 140 16.55 0.94 14.83
N VAL C 141 17.59 0.55 14.10
CA VAL C 141 17.58 -0.74 13.36
C VAL C 141 18.76 -1.63 13.81
N LEU C 142 19.84 -1.04 14.32
CA LEU C 142 21.08 -1.80 14.62
C LEU C 142 20.79 -2.91 15.65
N HIS C 143 19.87 -2.70 16.59
CA HIS C 143 19.54 -3.64 17.69
C HIS C 143 18.78 -4.88 17.17
N MET C 144 18.22 -4.85 15.95
CA MET C 144 17.25 -5.89 15.47
C MET C 144 17.97 -7.17 15.03
N GLY C 145 19.25 -7.10 14.69
CA GLY C 145 19.99 -8.27 14.16
C GLY C 145 21.30 -7.85 13.52
N PRO C 146 22.08 -8.83 13.00
CA PRO C 146 23.34 -8.54 12.32
C PRO C 146 23.18 -7.57 11.12
N THR C 147 23.99 -6.52 11.08
CA THR C 147 23.83 -5.32 10.23
C THR C 147 25.13 -4.99 9.51
N ILE C 148 25.12 -4.91 8.17
CA ILE C 148 26.23 -4.33 7.37
C ILE C 148 25.86 -2.88 7.07
N ILE C 149 26.73 -1.94 7.42
CA ILE C 149 26.54 -0.49 7.12
C ILE C 149 27.11 -0.21 5.73
N TYR C 150 26.33 0.44 4.88
CA TYR C 150 26.63 0.65 3.45
C TYR C 150 26.99 2.13 3.24
N ASN C 151 28.27 2.42 2.97
CA ASN C 151 28.75 3.77 2.58
C ASN C 151 29.00 3.79 1.06
N VAL C 152 28.16 4.48 0.31
CA VAL C 152 28.30 4.64 -1.17
C VAL C 152 28.01 6.10 -1.52
N PRO C 153 28.94 7.01 -1.19
CA PRO C 153 28.70 8.45 -1.33
C PRO C 153 28.44 8.89 -2.78
N GLY C 154 28.92 8.14 -3.77
CA GLY C 154 28.61 8.38 -5.20
C GLY C 154 27.12 8.24 -5.49
N ARG C 155 26.36 7.50 -4.69
CA ARG C 155 24.90 7.31 -4.88
C ARG C 155 24.14 8.18 -3.86
N THR C 156 24.56 8.20 -2.60
CA THR C 156 23.83 8.85 -1.48
C THR C 156 24.10 10.35 -1.46
N CYS C 157 25.22 10.77 -2.03
CA CYS C 157 25.74 12.16 -1.96
C CYS C 157 26.05 12.58 -0.52
N GLN C 158 26.29 11.61 0.36
CA GLN C 158 26.72 11.90 1.76
C GLN C 158 27.62 10.79 2.27
N ASP C 159 28.85 11.16 2.59
CA ASP C 159 29.84 10.25 3.22
C ASP C 159 29.42 9.94 4.66
N ILE C 160 29.36 8.66 5.02
CA ILE C 160 29.33 8.21 6.44
C ILE C 160 30.75 8.40 6.98
N PRO C 161 31.01 9.41 7.85
CA PRO C 161 32.38 9.71 8.27
C PRO C 161 32.89 8.62 9.21
N PRO C 162 34.22 8.40 9.32
CA PRO C 162 34.75 7.44 10.28
C PRO C 162 34.18 7.53 11.70
N GLN C 163 33.94 8.75 12.23
CA GLN C 163 33.44 8.92 13.63
C GLN C 163 32.13 8.11 13.81
N VAL C 164 31.27 8.06 12.79
CA VAL C 164 29.94 7.41 12.88
C VAL C 164 30.13 5.89 12.88
N ILE C 165 30.96 5.37 11.98
CA ILE C 165 31.31 3.92 11.89
C ILE C 165 31.87 3.45 13.24
N PHE C 166 32.84 4.17 13.80
CA PHE C 166 33.47 3.85 15.12
C PHE C 166 32.38 3.78 16.20
N LYS C 167 31.48 4.76 16.26
CA LYS C 167 30.42 4.74 17.29
C LYS C 167 29.51 3.51 17.06
N LEU C 168 29.17 3.21 15.80
CA LEU C 168 28.22 2.12 15.50
C LEU C 168 28.91 0.78 15.84
N SER C 169 30.24 0.72 15.70
CA SER C 169 31.05 -0.50 15.94
C SER C 169 30.98 -0.90 17.42
N GLN C 170 30.68 0.04 18.32
CA GLN C 170 30.43 -0.21 19.75
C GLN C 170 29.23 -1.17 19.93
N ASN C 171 28.32 -1.27 18.96
CA ASN C 171 27.21 -2.27 18.99
C ASN C 171 27.72 -3.60 18.44
N PRO C 172 27.55 -4.73 19.16
CA PRO C 172 28.01 -6.02 18.64
C PRO C 172 27.21 -6.57 17.44
N ASN C 173 26.06 -5.98 17.14
CA ASN C 173 25.24 -6.35 15.95
C ASN C 173 25.88 -5.79 14.66
N MET C 174 26.68 -4.74 14.76
CA MET C 174 27.35 -4.12 13.58
C MET C 174 28.41 -5.11 13.05
N ALA C 175 28.03 -5.92 12.06
CA ALA C 175 28.89 -6.98 11.49
C ALA C 175 30.10 -6.35 10.79
N GLY C 176 29.86 -5.38 9.92
CA GLY C 176 30.95 -4.66 9.25
C GLY C 176 30.43 -3.58 8.33
N VAL C 177 31.27 -3.17 7.39
CA VAL C 177 31.01 -2.03 6.47
C VAL C 177 31.12 -2.53 5.03
N LYS C 178 30.11 -2.24 4.20
CA LYS C 178 30.25 -2.26 2.73
C LYS C 178 30.76 -0.88 2.33
N GLU C 179 32.04 -0.78 1.99
CA GLU C 179 32.72 0.51 1.74
C GLU C 179 32.99 0.68 0.23
N CYS C 180 32.76 1.89 -0.29
CA CYS C 180 32.94 2.25 -1.72
C CYS C 180 33.82 3.50 -1.86
N VAL C 181 34.22 4.16 -0.77
CA VAL C 181 35.08 5.38 -0.85
C VAL C 181 36.45 5.02 -1.45
N GLY C 182 36.97 3.81 -1.20
CA GLY C 182 38.26 3.37 -1.73
C GLY C 182 39.16 2.75 -0.66
N ASN C 183 40.36 2.31 -1.06
CA ASN C 183 41.21 1.38 -0.27
C ASN C 183 41.79 2.09 0.97
N ASN C 184 42.05 3.41 0.92
CA ASN C 184 42.51 4.17 2.12
C ASN C 184 41.45 4.11 3.21
N ARG C 185 40.17 4.34 2.88
CA ARG C 185 39.06 4.28 3.85
C ARG C 185 38.90 2.84 4.34
N VAL C 186 39.01 1.86 3.45
CA VAL C 186 38.91 0.42 3.81
C VAL C 186 39.93 0.17 4.92
N GLU C 187 41.18 0.61 4.69
CA GLU C 187 42.34 0.33 5.57
C GLU C 187 42.13 1.08 6.89
N GLU C 188 41.60 2.30 6.85
CA GLU C 188 41.29 3.07 8.07
C GLU C 188 40.42 2.23 9.03
N TYR C 189 39.59 1.31 8.53
CA TYR C 189 38.68 0.49 9.37
C TYR C 189 39.30 -0.87 9.70
N THR C 190 39.90 -1.57 8.72
CA THR C 190 40.40 -2.96 8.87
C THR C 190 41.57 -3.01 9.86
N GLU C 191 42.37 -1.94 9.93
CA GLU C 191 43.57 -1.87 10.82
C GLU C 191 43.12 -1.64 12.28
N LYS C 192 41.84 -1.31 12.51
CA LYS C 192 41.25 -1.19 13.87
C LYS C 192 40.30 -2.37 14.13
N GLY C 193 40.41 -3.46 13.35
CA GLY C 193 39.67 -4.72 13.57
C GLY C 193 38.22 -4.69 13.07
N ILE C 194 37.75 -3.61 12.43
CA ILE C 194 36.38 -3.53 11.84
C ILE C 194 36.36 -4.31 10.52
N VAL C 195 35.41 -5.24 10.35
CA VAL C 195 35.29 -6.02 9.09
C VAL C 195 34.84 -5.09 7.96
N VAL C 196 35.48 -5.18 6.79
CA VAL C 196 35.12 -4.41 5.56
C VAL C 196 35.00 -5.37 4.38
N TRP C 197 33.88 -5.26 3.65
CA TRP C 197 33.74 -5.75 2.26
C TRP C 197 33.90 -4.54 1.32
N SER C 198 34.75 -4.65 0.31
CA SER C 198 34.78 -3.68 -0.82
C SER C 198 33.42 -3.72 -1.53
N GLY C 199 32.86 -2.57 -1.88
CA GLY C 199 31.68 -2.47 -2.77
C GLY C 199 32.09 -2.18 -4.21
N ASN C 200 33.38 -2.01 -4.47
CA ASN C 200 33.93 -1.62 -5.79
C ASN C 200 34.65 -2.84 -6.40
N ASP C 201 34.03 -3.49 -7.39
CA ASP C 201 34.52 -4.76 -7.98
C ASP C 201 35.97 -4.57 -8.48
N ASP C 202 36.30 -3.38 -9.01
CA ASP C 202 37.60 -3.15 -9.70
C ASP C 202 38.66 -2.80 -8.65
N GLN C 203 38.28 -2.74 -7.38
CA GLN C 203 39.21 -2.46 -6.26
C GLN C 203 39.29 -3.67 -5.31
N CYS C 204 38.39 -4.65 -5.39
CA CYS C 204 38.23 -5.68 -4.34
C CYS C 204 39.49 -6.57 -4.23
N HIS C 205 40.15 -6.91 -5.33
CA HIS C 205 41.41 -7.71 -5.32
C HIS C 205 42.45 -7.01 -4.43
N ASP C 206 42.80 -5.76 -4.74
CA ASP C 206 43.82 -5.01 -3.98
C ASP C 206 43.29 -4.79 -2.56
N SER C 207 41.97 -4.67 -2.40
CA SER C 207 41.34 -4.42 -1.08
C SER C 207 41.56 -5.63 -0.18
N ARG C 208 41.29 -6.83 -0.70
CA ARG C 208 41.39 -8.12 0.02
C ARG C 208 42.85 -8.36 0.45
N TRP C 209 43.81 -8.26 -0.48
CA TRP C 209 45.19 -8.77 -0.29
C TRP C 209 46.13 -7.70 0.28
N ASP C 210 45.88 -6.42 0.04
CA ASP C 210 46.79 -5.33 0.49
C ASP C 210 46.17 -4.46 1.59
N HIS C 211 44.86 -4.51 1.85
CA HIS C 211 44.22 -3.52 2.76
C HIS C 211 43.34 -4.15 3.84
N GLY C 212 43.35 -5.48 3.99
CA GLY C 212 42.72 -6.21 5.11
C GLY C 212 41.21 -6.36 4.97
N ALA C 213 40.65 -6.18 3.78
CA ALA C 213 39.21 -6.42 3.52
C ALA C 213 38.97 -7.92 3.61
N THR C 214 37.85 -8.33 4.22
CA THR C 214 37.45 -9.76 4.35
C THR C 214 37.02 -10.30 2.99
N GLY C 215 36.50 -9.42 2.11
CA GLY C 215 36.09 -9.79 0.74
C GLY C 215 35.25 -8.74 0.05
N VAL C 216 34.27 -9.20 -0.73
CA VAL C 216 33.53 -8.30 -1.67
C VAL C 216 32.03 -8.55 -1.56
N ILE C 217 31.27 -7.46 -1.64
CA ILE C 217 29.83 -7.49 -2.00
C ILE C 217 29.77 -7.02 -3.45
N SER C 218 29.57 -7.97 -4.36
CA SER C 218 30.01 -7.92 -5.78
C SER C 218 28.80 -7.87 -6.72
N VAL C 219 28.89 -7.04 -7.76
CA VAL C 219 27.99 -7.09 -8.95
C VAL C 219 28.51 -8.13 -9.93
N THR C 220 29.84 -8.14 -10.16
CA THR C 220 30.51 -8.97 -11.18
C THR C 220 30.27 -10.46 -10.89
N SER C 221 30.05 -10.84 -9.62
CA SER C 221 29.81 -12.26 -9.25
C SER C 221 28.49 -12.75 -9.87
N ASN C 222 27.61 -11.84 -10.33
CA ASN C 222 26.38 -12.25 -11.07
C ASN C 222 26.73 -12.95 -12.38
N LEU C 223 27.87 -12.62 -13.00
CA LEU C 223 28.25 -13.12 -14.35
C LEU C 223 29.27 -14.26 -14.20
N VAL C 224 30.28 -14.07 -13.35
CA VAL C 224 31.47 -14.99 -13.25
C VAL C 224 31.73 -15.29 -11.79
N PRO C 225 30.82 -15.99 -11.09
CA PRO C 225 30.96 -16.21 -9.65
C PRO C 225 32.20 -17.04 -9.26
N GLY C 226 32.55 -18.04 -10.07
CA GLY C 226 33.73 -18.90 -9.86
C GLY C 226 35.00 -18.08 -9.85
N LEU C 227 35.16 -17.21 -10.85
CA LEU C 227 36.34 -16.32 -10.96
C LEU C 227 36.37 -15.36 -9.78
N MET C 228 35.24 -14.83 -9.32
CA MET C 228 35.23 -13.90 -8.15
C MET C 228 35.54 -14.67 -6.86
N ARG C 229 35.10 -15.93 -6.73
CA ARG C 229 35.48 -16.76 -5.57
C ARG C 229 37.00 -16.94 -5.58
N LYS C 230 37.57 -17.32 -6.74
CA LYS C 230 39.03 -17.52 -6.92
C LYS C 230 39.73 -16.26 -6.43
N LEU C 231 39.28 -15.09 -6.89
CA LEU C 231 39.93 -13.79 -6.58
C LEU C 231 40.02 -13.57 -5.05
N MET C 232 38.99 -13.96 -4.29
CA MET C 232 38.89 -13.64 -2.84
C MET C 232 39.54 -14.73 -1.95
N PHE C 233 39.74 -15.95 -2.47
CA PHE C 233 40.15 -17.13 -1.67
C PHE C 233 41.59 -17.55 -1.95
N GLU C 234 42.01 -17.65 -3.21
CA GLU C 234 43.24 -18.41 -3.62
C GLU C 234 44.49 -17.50 -3.68
N GLY C 235 44.60 -16.50 -2.81
CA GLY C 235 45.79 -15.62 -2.72
C GLY C 235 45.82 -14.61 -3.84
N ARG C 236 46.65 -13.57 -3.75
CA ARG C 236 46.75 -12.50 -4.76
C ARG C 236 46.99 -13.14 -6.14
N ASN C 237 46.43 -12.56 -7.19
CA ASN C 237 46.53 -13.06 -8.57
C ASN C 237 46.25 -11.87 -9.50
N SER C 238 47.23 -11.01 -9.68
CA SER C 238 47.07 -9.74 -10.42
C SER C 238 46.79 -10.05 -11.90
N ALA C 239 47.15 -11.25 -12.39
CA ALA C 239 46.89 -11.70 -13.77
C ALA C 239 45.37 -11.88 -13.94
N LEU C 240 44.74 -12.63 -13.05
CA LEU C 240 43.26 -12.81 -13.02
C LEU C 240 42.58 -11.45 -12.82
N ASN C 241 43.04 -10.62 -11.89
CA ASN C 241 42.46 -9.28 -11.67
C ASN C 241 42.43 -8.56 -13.03
N ALA C 242 43.55 -8.55 -13.76
CA ALA C 242 43.73 -7.79 -15.02
C ALA C 242 42.85 -8.36 -16.13
N LYS C 243 42.59 -9.67 -16.13
CA LYS C 243 41.72 -10.37 -17.13
C LYS C 243 40.24 -9.98 -16.90
N LEU C 244 39.85 -9.67 -15.65
CA LEU C 244 38.46 -9.30 -15.27
C LEU C 244 38.21 -7.81 -15.53
N LEU C 245 39.25 -6.98 -15.49
CA LEU C 245 39.08 -5.51 -15.54
C LEU C 245 38.25 -5.11 -16.76
N PRO C 246 38.47 -5.65 -17.99
CA PRO C 246 37.66 -5.21 -19.13
C PRO C 246 36.15 -5.46 -18.96
N LEU C 247 35.78 -6.59 -18.34
CA LEU C 247 34.38 -6.94 -18.00
C LEU C 247 33.85 -5.94 -16.97
N MET C 248 34.62 -5.67 -15.92
CA MET C 248 34.22 -4.71 -14.86
C MET C 248 34.04 -3.31 -15.50
N ASP C 249 34.92 -2.89 -16.41
CA ASP C 249 34.81 -1.56 -17.09
C ASP C 249 33.49 -1.50 -17.87
N TRP C 250 33.19 -2.53 -18.66
CA TRP C 250 31.94 -2.67 -19.44
C TRP C 250 30.73 -2.59 -18.50
N LEU C 251 30.76 -3.31 -17.37
CA LEU C 251 29.62 -3.40 -16.42
C LEU C 251 29.26 -2.05 -15.79
N PHE C 252 30.19 -1.11 -15.68
CA PHE C 252 30.01 0.14 -14.90
C PHE C 252 30.14 1.36 -15.79
N GLN C 253 30.05 1.19 -17.12
CA GLN C 253 30.14 2.32 -18.07
C GLN C 253 28.84 3.14 -17.95
N GLU C 254 27.69 2.50 -17.76
CA GLU C 254 26.46 3.21 -17.31
C GLU C 254 26.21 2.77 -15.88
N PRO C 255 25.37 3.51 -15.10
CA PRO C 255 25.09 3.15 -13.72
C PRO C 255 24.54 1.73 -13.61
N ASN C 256 25.16 0.94 -12.73
CA ASN C 256 24.66 -0.35 -12.22
C ASN C 256 23.22 -0.15 -11.76
N PRO C 257 22.26 -1.06 -12.06
CA PRO C 257 22.51 -2.33 -12.74
C PRO C 257 22.27 -2.42 -14.26
N ILE C 258 22.48 -1.34 -15.00
CA ILE C 258 22.21 -1.35 -16.48
C ILE C 258 23.08 -2.41 -17.17
N GLY C 259 24.38 -2.46 -16.87
CA GLY C 259 25.32 -3.44 -17.46
C GLY C 259 24.90 -4.87 -17.16
N VAL C 260 24.74 -5.20 -15.88
CA VAL C 260 24.49 -6.61 -15.43
C VAL C 260 23.11 -7.07 -15.95
N ASN C 261 22.10 -6.19 -15.99
CA ASN C 261 20.78 -6.52 -16.60
C ASN C 261 20.97 -6.87 -18.08
N THR C 262 21.68 -6.02 -18.83
CA THR C 262 21.95 -6.24 -20.27
C THR C 262 22.67 -7.58 -20.46
N ALA C 263 23.73 -7.82 -19.69
CA ALA C 263 24.63 -9.00 -19.78
C ALA C 263 23.83 -10.29 -19.50
N LEU C 264 23.05 -10.32 -18.43
CA LEU C 264 22.34 -11.57 -18.02
C LEU C 264 21.31 -11.91 -19.09
N ALA C 265 20.72 -10.91 -19.75
CA ALA C 265 19.82 -11.13 -20.90
C ALA C 265 20.63 -11.68 -22.09
N GLN C 266 21.82 -11.14 -22.37
CA GLN C 266 22.68 -11.68 -23.47
C GLN C 266 23.04 -13.15 -23.19
N LEU C 267 23.27 -13.53 -21.92
CA LEU C 267 23.69 -14.90 -21.53
C LEU C 267 22.49 -15.84 -21.47
N GLY C 268 21.27 -15.31 -21.59
CA GLY C 268 20.01 -16.08 -21.60
C GLY C 268 19.57 -16.58 -20.23
N VAL C 269 20.08 -16.03 -19.13
CA VAL C 269 19.69 -16.46 -17.74
C VAL C 269 18.59 -15.53 -17.19
N ALA C 270 18.36 -14.38 -17.82
CA ALA C 270 17.25 -13.45 -17.49
C ALA C 270 16.61 -12.99 -18.80
N ARG C 271 15.31 -12.76 -18.76
CA ARG C 271 14.60 -12.19 -19.94
C ARG C 271 15.05 -10.75 -20.12
N PRO C 272 15.01 -10.23 -21.37
CA PRO C 272 15.37 -8.84 -21.66
C PRO C 272 14.25 -7.87 -21.24
N VAL C 273 13.89 -7.89 -19.95
CA VAL C 273 12.80 -7.04 -19.39
C VAL C 273 13.43 -6.09 -18.37
N PHE C 274 13.23 -4.79 -18.57
CA PHE C 274 13.73 -3.71 -17.68
C PHE C 274 12.53 -3.02 -17.01
N ARG C 275 12.61 -2.82 -15.70
CA ARG C 275 11.76 -1.84 -14.99
C ARG C 275 12.40 -0.46 -15.17
N LEU C 276 11.65 0.49 -15.70
CA LEU C 276 12.13 1.89 -15.82
C LEU C 276 12.41 2.38 -14.40
N PRO C 277 13.41 3.27 -14.18
CA PRO C 277 14.04 4.03 -15.25
C PRO C 277 15.29 3.42 -15.88
N TYR C 278 15.49 2.11 -15.77
CA TYR C 278 16.68 1.44 -16.38
C TYR C 278 16.34 1.07 -17.82
N VAL C 279 17.30 1.24 -18.72
CA VAL C 279 17.22 0.78 -20.14
C VAL C 279 18.54 0.12 -20.51
N PRO C 280 18.50 -0.85 -21.46
CA PRO C 280 19.69 -1.64 -21.79
C PRO C 280 20.78 -0.79 -22.44
N LEU C 281 22.03 -1.24 -22.32
CA LEU C 281 23.17 -0.73 -23.12
C LEU C 281 22.83 -0.93 -24.59
N PRO C 282 23.21 0.04 -25.47
CA PRO C 282 22.96 -0.08 -26.89
C PRO C 282 23.76 -1.19 -27.61
N LEU C 283 23.38 -1.44 -28.85
CA LEU C 283 23.87 -2.54 -29.74
C LEU C 283 25.40 -2.58 -29.76
N SER C 284 26.06 -1.43 -29.90
CA SER C 284 27.55 -1.30 -29.94
C SER C 284 28.16 -1.97 -28.71
N LYS C 285 27.58 -1.76 -27.52
CA LYS C 285 28.08 -2.32 -26.24
C LYS C 285 27.74 -3.81 -26.14
N ARG C 286 26.60 -4.23 -26.68
CA ARG C 286 26.18 -5.67 -26.64
C ARG C 286 27.12 -6.47 -27.55
N ILE C 287 27.62 -5.87 -28.63
CA ILE C 287 28.64 -6.50 -29.52
C ILE C 287 29.96 -6.58 -28.75
N GLU C 288 30.39 -5.51 -28.10
CA GLU C 288 31.59 -5.53 -27.19
C GLU C 288 31.46 -6.71 -26.20
N PHE C 289 30.27 -6.92 -25.60
CA PHE C 289 30.10 -7.91 -24.51
C PHE C 289 30.37 -9.32 -25.05
N VAL C 290 29.86 -9.61 -26.25
CA VAL C 290 30.12 -10.91 -26.97
C VAL C 290 31.63 -11.13 -27.05
N LYS C 291 32.42 -10.10 -27.39
CA LYS C 291 33.89 -10.21 -27.54
C LYS C 291 34.51 -10.50 -26.17
N LEU C 292 34.05 -9.81 -25.11
CA LEU C 292 34.55 -10.00 -23.72
C LEU C 292 34.28 -11.43 -23.27
N VAL C 293 33.10 -11.99 -23.55
CA VAL C 293 32.72 -13.36 -23.14
C VAL C 293 33.67 -14.33 -23.84
N LYS C 294 33.86 -14.19 -25.14
CA LYS C 294 34.80 -15.02 -25.94
C LYS C 294 36.23 -14.87 -25.37
N GLU C 295 36.70 -13.65 -25.06
CA GLU C 295 38.09 -13.44 -24.58
CA GLU C 295 38.09 -13.42 -24.57
C GLU C 295 38.29 -14.13 -23.23
N ILE C 296 37.33 -14.03 -22.31
CA ILE C 296 37.43 -14.67 -20.95
C ILE C 296 37.13 -16.17 -21.06
N GLY C 297 36.19 -16.57 -21.93
CA GLY C 297 35.70 -17.94 -22.08
C GLY C 297 34.28 -18.10 -21.54
N ARG C 298 33.33 -18.46 -22.40
CA ARG C 298 31.88 -18.64 -22.08
C ARG C 298 31.68 -19.57 -20.88
N GLU C 299 32.53 -20.59 -20.73
CA GLU C 299 32.40 -21.60 -19.64
C GLU C 299 32.45 -20.93 -18.26
N HIS C 300 33.06 -19.74 -18.11
CA HIS C 300 33.24 -19.04 -16.80
C HIS C 300 32.03 -18.17 -16.44
N PHE C 301 31.11 -17.97 -17.39
CA PHE C 301 29.91 -17.12 -17.24
C PHE C 301 28.73 -18.02 -16.92
N VAL C 302 27.79 -17.54 -16.09
CA VAL C 302 26.54 -18.27 -15.74
C VAL C 302 25.78 -18.63 -17.02
N GLY C 303 25.04 -19.75 -16.98
CA GLY C 303 24.18 -20.26 -18.06
C GLY C 303 24.92 -21.19 -19.00
N ASP C 304 24.19 -21.91 -19.87
CA ASP C 304 24.73 -22.82 -20.92
C ASP C 304 24.48 -22.28 -22.32
N ARG C 305 23.46 -21.44 -22.54
CA ARG C 305 23.10 -20.93 -23.89
C ARG C 305 24.25 -20.11 -24.48
N ASP C 306 24.39 -20.12 -25.80
CA ASP C 306 25.33 -19.23 -26.54
C ASP C 306 24.96 -17.77 -26.24
N VAL C 307 25.93 -16.95 -25.85
CA VAL C 307 25.73 -15.48 -25.71
C VAL C 307 25.16 -14.96 -27.04
N GLN C 308 24.13 -14.09 -26.96
CA GLN C 308 23.53 -13.38 -28.12
C GLN C 308 23.75 -11.87 -27.98
N VAL C 309 23.76 -11.17 -29.12
CA VAL C 309 23.76 -9.69 -29.18
C VAL C 309 22.39 -9.19 -28.71
N LEU C 310 21.33 -9.84 -29.21
CA LEU C 310 19.90 -9.46 -29.09
C LEU C 310 19.62 -8.22 -29.94
N ASP C 311 18.44 -8.17 -30.52
CA ASP C 311 17.89 -6.97 -31.20
C ASP C 311 17.35 -5.97 -30.17
N ASP C 312 17.44 -4.67 -30.48
CA ASP C 312 16.78 -3.60 -29.69
C ASP C 312 15.34 -4.02 -29.31
N ASP C 313 14.58 -4.60 -30.23
CA ASP C 313 13.14 -4.93 -30.02
C ASP C 313 12.95 -6.18 -29.14
N ASP C 314 14.02 -6.86 -28.74
CA ASP C 314 13.99 -7.95 -27.72
C ASP C 314 13.76 -7.33 -26.33
N PHE C 315 14.17 -6.08 -26.13
CA PHE C 315 14.12 -5.42 -24.79
C PHE C 315 12.75 -4.80 -24.57
N ILE C 316 12.20 -5.09 -23.41
CA ILE C 316 10.86 -4.63 -22.97
C ILE C 316 11.09 -3.65 -21.81
N LEU C 317 10.67 -2.40 -21.98
CA LEU C 317 10.74 -1.34 -20.96
C LEU C 317 9.36 -1.20 -20.33
N ILE C 318 9.27 -1.38 -19.02
CA ILE C 318 7.96 -1.32 -18.31
C ILE C 318 8.01 -0.19 -17.29
N GLY C 319 6.99 0.68 -17.34
CA GLY C 319 6.73 1.76 -16.37
C GLY C 319 5.65 1.34 -15.39
N ARG C 320 4.59 0.66 -15.85
CA ARG C 320 3.47 0.18 -14.98
C ARG C 320 3.73 -1.27 -14.52
N TYR C 321 4.70 -1.47 -13.61
CA TYR C 321 5.03 -2.79 -12.99
C TYR C 321 4.37 -2.87 -11.60
N LYS D 11 -5.06 25.05 -24.55
CA LYS D 11 -5.57 23.92 -23.72
C LYS D 11 -4.60 23.66 -22.57
N ASN D 12 -3.62 22.79 -22.81
CA ASN D 12 -2.43 22.53 -21.95
C ASN D 12 -1.50 23.75 -21.96
N ARG D 13 -1.46 24.49 -23.09
CA ARG D 13 -0.60 25.68 -23.30
C ARG D 13 -0.86 26.73 -22.19
N THR D 14 -2.13 26.98 -21.86
CA THR D 14 -2.57 27.98 -20.84
C THR D 14 -2.23 27.49 -19.43
N ASN D 15 -2.47 26.20 -19.17
CA ASN D 15 -2.14 25.54 -17.90
C ASN D 15 -0.62 25.65 -17.68
N THR D 16 0.18 25.44 -18.72
CA THR D 16 1.66 25.52 -18.63
C THR D 16 2.04 26.99 -18.42
N ASP D 17 1.40 27.90 -19.16
CA ASP D 17 1.77 29.33 -19.09
C ASP D 17 1.45 29.88 -17.70
N ASP D 18 0.41 29.36 -17.04
CA ASP D 18 -0.01 29.75 -15.66
C ASP D 18 1.07 29.35 -14.63
N ILE D 19 1.81 28.25 -14.87
CA ILE D 19 2.97 27.85 -14.01
C ILE D 19 4.15 28.76 -14.32
N ARG D 20 4.39 29.06 -15.60
CA ARG D 20 5.58 29.83 -16.06
C ARG D 20 5.54 31.27 -15.54
N SER D 21 4.35 31.81 -15.28
CA SER D 21 4.16 33.21 -14.82
C SER D 21 4.53 33.36 -13.33
N LEU D 22 4.58 32.26 -12.57
CA LEU D 22 4.78 32.31 -11.09
C LEU D 22 6.23 32.69 -10.77
N ARG D 23 6.44 33.61 -9.83
CA ARG D 23 7.78 34.10 -9.43
C ARG D 23 8.15 33.59 -8.05
N VAL D 24 7.18 33.47 -7.14
CA VAL D 24 7.42 32.98 -5.75
C VAL D 24 6.65 31.68 -5.49
N ILE D 25 7.37 30.57 -5.45
CA ILE D 25 6.78 29.23 -5.13
C ILE D 25 7.40 28.78 -3.81
N THR D 26 6.58 28.58 -2.79
CA THR D 26 7.03 28.12 -1.45
C THR D 26 7.04 26.58 -1.43
N ALA D 27 8.21 26.01 -1.15
CA ALA D 27 8.36 24.57 -0.82
C ALA D 27 7.91 24.41 0.64
N ILE D 28 6.61 24.27 0.85
CA ILE D 28 5.93 24.44 2.16
C ILE D 28 6.32 23.29 3.09
N LYS D 29 6.64 23.61 4.34
CA LYS D 29 6.94 22.62 5.40
C LYS D 29 5.65 21.88 5.75
N THR D 30 5.74 20.56 5.99
CA THR D 30 4.64 19.71 6.49
C THR D 30 4.75 19.59 8.02
N PRO D 31 3.84 20.19 8.80
CA PRO D 31 3.92 20.12 10.26
C PRO D 31 3.16 18.89 10.79
N TYR D 32 3.60 18.37 11.95
CA TYR D 32 3.07 17.11 12.54
C TYR D 32 2.41 17.34 13.91
N LEU D 33 1.52 16.41 14.27
CA LEU D 33 0.93 16.24 15.62
C LEU D 33 1.95 15.54 16.50
N PRO D 34 1.78 15.53 17.84
CA PRO D 34 2.72 14.84 18.73
C PRO D 34 3.00 13.37 18.37
N ASP D 35 2.06 12.65 17.76
CA ASP D 35 2.27 11.21 17.40
C ASP D 35 2.79 11.06 15.96
N GLY D 36 3.17 12.13 15.27
CA GLY D 36 3.85 12.04 13.96
C GLY D 36 2.92 12.11 12.76
N ARG D 37 1.60 12.03 12.94
CA ARG D 37 0.60 12.29 11.86
C ARG D 37 0.64 13.77 11.46
N PHE D 38 0.13 14.09 10.27
CA PHE D 38 0.03 15.47 9.72
C PHE D 38 -0.84 16.32 10.66
N ASP D 39 -0.37 17.53 10.98
CA ASP D 39 -1.18 18.60 11.60
C ASP D 39 -1.84 19.44 10.49
N LEU D 40 -3.03 19.07 10.05
CA LEU D 40 -3.71 19.74 8.91
C LEU D 40 -4.13 21.16 9.30
N GLN D 41 -4.47 21.33 10.58
CA GLN D 41 -4.81 22.65 11.17
C GLN D 41 -3.62 23.60 11.00
N ALA D 42 -2.42 23.17 11.43
CA ALA D 42 -1.18 23.97 11.36
C ALA D 42 -0.82 24.18 9.88
N TYR D 43 -0.97 23.15 9.05
CA TYR D 43 -0.66 23.19 7.59
C TYR D 43 -1.51 24.26 6.89
N ASP D 44 -2.83 24.25 7.15
CA ASP D 44 -3.80 25.24 6.59
C ASP D 44 -3.38 26.66 6.99
N ASP D 45 -2.94 26.86 8.23
CA ASP D 45 -2.51 28.22 8.69
C ASP D 45 -1.24 28.62 7.93
N LEU D 46 -0.31 27.70 7.67
CA LEU D 46 0.94 27.97 6.91
C LEU D 46 0.57 28.39 5.48
N VAL D 47 -0.26 27.60 4.80
CA VAL D 47 -0.67 27.90 3.40
C VAL D 47 -1.39 29.27 3.39
N ASN D 48 -2.32 29.53 4.33
CA ASN D 48 -3.06 30.82 4.36
C ASN D 48 -2.06 31.99 4.49
N THR D 49 -1.06 31.84 5.35
CA THR D 49 -0.02 32.86 5.63
C THR D 49 0.82 33.11 4.37
N GLN D 50 1.14 32.05 3.62
CA GLN D 50 1.83 32.17 2.32
C GLN D 50 0.97 32.98 1.35
N ILE D 51 -0.34 32.69 1.25
CA ILE D 51 -1.21 33.36 0.24
C ILE D 51 -1.32 34.86 0.59
N GLU D 52 -1.48 35.18 1.88
CA GLU D 52 -1.68 36.57 2.38
C GLU D 52 -0.43 37.40 2.13
N ASN D 53 0.76 36.78 2.01
CA ASN D 53 2.07 37.46 1.85
C ASN D 53 2.66 37.25 0.45
N GLY D 54 1.83 36.94 -0.55
CA GLY D 54 2.21 37.05 -1.98
C GLY D 54 2.79 35.78 -2.59
N ALA D 55 2.86 34.65 -1.88
CA ALA D 55 3.27 33.37 -2.49
C ALA D 55 2.28 33.05 -3.61
N GLU D 56 2.74 32.72 -4.82
CA GLU D 56 1.83 32.49 -5.96
C GLU D 56 1.65 30.99 -6.20
N GLY D 57 2.50 30.18 -5.60
CA GLY D 57 2.47 28.73 -5.78
C GLY D 57 3.05 28.03 -4.59
N VAL D 58 2.76 26.74 -4.44
CA VAL D 58 3.25 25.89 -3.33
C VAL D 58 3.67 24.53 -3.90
N ILE D 59 4.84 24.03 -3.52
CA ILE D 59 5.22 22.61 -3.72
C ILE D 59 4.69 21.80 -2.54
N VAL D 60 3.86 20.80 -2.80
CA VAL D 60 3.31 19.90 -1.76
C VAL D 60 4.17 18.63 -1.70
N GLY D 61 4.80 18.40 -0.56
CA GLY D 61 5.61 17.18 -0.30
C GLY D 61 6.91 17.21 -1.07
N GLY D 62 7.54 18.39 -1.17
CA GLY D 62 8.92 18.51 -1.66
C GLY D 62 9.92 17.99 -0.64
N THR D 63 11.20 18.18 -0.91
CA THR D 63 12.31 17.93 0.04
C THR D 63 11.96 18.64 1.35
N THR D 64 11.64 19.93 1.27
CA THR D 64 11.30 20.79 2.44
C THR D 64 10.08 20.23 3.16
N GLY D 65 9.12 19.68 2.43
CA GLY D 65 7.85 19.13 2.96
C GLY D 65 7.98 17.65 3.32
N GLU D 66 9.19 17.10 3.25
CA GLU D 66 9.51 15.72 3.71
C GLU D 66 8.66 14.70 2.94
N GLY D 67 8.43 14.93 1.65
CA GLY D 67 7.77 13.93 0.79
C GLY D 67 8.42 12.58 0.89
N GLN D 68 9.75 12.55 1.04
CA GLN D 68 10.60 11.33 1.21
C GLN D 68 10.14 10.49 2.41
N LEU D 69 9.44 11.06 3.40
CA LEU D 69 9.05 10.35 4.65
C LEU D 69 7.55 10.04 4.67
N MET D 70 6.79 10.47 3.67
CA MET D 70 5.33 10.24 3.63
C MET D 70 5.06 8.87 3.04
N SER D 71 4.00 8.20 3.48
CA SER D 71 3.34 7.11 2.72
C SER D 71 2.61 7.79 1.56
N TRP D 72 2.33 7.08 0.47
CA TRP D 72 1.76 7.73 -0.74
C TRP D 72 0.32 8.17 -0.43
N ASP D 73 -0.42 7.47 0.42
CA ASP D 73 -1.82 7.86 0.75
C ASP D 73 -1.81 9.23 1.48
N GLU D 74 -0.90 9.43 2.41
CA GLU D 74 -0.62 10.73 3.09
C GLU D 74 -0.31 11.83 2.06
N HIS D 75 0.59 11.55 1.12
CA HIS D 75 1.09 12.52 0.11
C HIS D 75 -0.05 12.92 -0.83
N ILE D 76 -0.73 11.93 -1.41
CA ILE D 76 -1.85 12.17 -2.35
C ILE D 76 -2.93 12.96 -1.62
N MET D 77 -3.25 12.57 -0.39
CA MET D 77 -4.29 13.27 0.41
C MET D 77 -3.89 14.74 0.61
N LEU D 78 -2.65 15.02 1.02
CA LEU D 78 -2.20 16.42 1.26
C LEU D 78 -2.39 17.25 -0.03
N ILE D 79 -2.11 16.68 -1.20
CA ILE D 79 -2.22 17.38 -2.52
C ILE D 79 -3.70 17.69 -2.77
N GLY D 80 -4.57 16.68 -2.71
CA GLY D 80 -6.02 16.84 -2.93
C GLY D 80 -6.59 17.83 -1.94
N HIS D 81 -6.11 17.78 -0.69
CA HIS D 81 -6.56 18.69 0.41
C HIS D 81 -6.14 20.11 0.07
N THR D 82 -4.90 20.31 -0.41
CA THR D 82 -4.37 21.66 -0.76
C THR D 82 -5.18 22.20 -1.96
N VAL D 83 -5.46 21.37 -2.95
CA VAL D 83 -6.27 21.78 -4.13
C VAL D 83 -7.67 22.18 -3.66
N ASN D 84 -8.32 21.33 -2.85
CA ASN D 84 -9.72 21.53 -2.42
C ASN D 84 -9.87 22.84 -1.64
N CYS D 85 -8.96 23.14 -0.71
CA CYS D 85 -9.08 24.28 0.25
C CYS D 85 -8.47 25.56 -0.33
N PHE D 86 -7.40 25.49 -1.14
CA PHE D 86 -6.57 26.66 -1.55
C PHE D 86 -6.43 26.80 -3.07
N GLY D 87 -6.91 25.86 -3.86
CA GLY D 87 -6.55 25.75 -5.29
C GLY D 87 -7.07 26.90 -6.14
N GLY D 88 -8.08 27.63 -5.65
CA GLY D 88 -8.56 28.87 -6.29
C GLY D 88 -7.72 30.08 -5.92
N ARG D 89 -6.82 29.98 -4.94
CA ARG D 89 -6.12 31.15 -4.35
C ARG D 89 -4.60 31.06 -4.54
N ILE D 90 -4.08 29.88 -4.91
CA ILE D 90 -2.62 29.61 -5.10
C ILE D 90 -2.48 28.43 -6.07
N LYS D 91 -1.37 28.36 -6.82
CA LYS D 91 -1.13 27.20 -7.73
C LYS D 91 -0.57 26.07 -6.88
N VAL D 92 -1.14 24.87 -7.02
CA VAL D 92 -0.75 23.68 -6.22
C VAL D 92 0.07 22.78 -7.15
N ILE D 93 1.34 22.62 -6.80
CA ILE D 93 2.33 21.81 -7.57
C ILE D 93 2.71 20.63 -6.70
N GLY D 94 2.30 19.42 -7.09
CA GLY D 94 2.62 18.19 -6.34
C GLY D 94 4.01 17.70 -6.67
N ASN D 95 4.82 17.41 -5.65
CA ASN D 95 6.10 16.69 -5.83
C ASN D 95 5.78 15.20 -6.00
N THR D 96 5.44 14.78 -7.22
CA THR D 96 5.00 13.40 -7.55
C THR D 96 6.15 12.66 -8.24
N GLY D 97 7.37 13.21 -8.19
CA GLY D 97 8.59 12.53 -8.66
C GLY D 97 9.03 11.40 -7.76
N SER D 98 9.89 10.52 -8.28
CA SER D 98 10.44 9.33 -7.58
C SER D 98 11.62 8.78 -8.39
N ASN D 99 12.50 8.03 -7.73
CA ASN D 99 13.56 7.24 -8.42
C ASN D 99 12.88 6.02 -9.06
N SER D 100 11.62 5.73 -8.72
CA SER D 100 10.85 4.63 -9.34
C SER D 100 9.87 5.20 -10.36
N THR D 101 9.99 4.80 -11.62
CA THR D 101 9.14 5.28 -12.72
C THR D 101 7.67 4.94 -12.41
N ARG D 102 7.42 3.74 -11.89
CA ARG D 102 6.06 3.24 -11.56
C ARG D 102 5.42 4.19 -10.53
N GLU D 103 6.16 4.56 -9.48
CA GLU D 103 5.65 5.49 -8.44
C GLU D 103 5.39 6.85 -9.07
N ALA D 104 6.31 7.33 -9.91
CA ALA D 104 6.18 8.68 -10.54
C ALA D 104 4.95 8.69 -11.45
N ILE D 105 4.72 7.62 -12.22
CA ILE D 105 3.56 7.52 -13.15
C ILE D 105 2.28 7.61 -12.32
N HIS D 106 2.12 6.77 -11.29
CA HIS D 106 0.85 6.67 -10.51
C HIS D 106 0.62 7.93 -9.68
N ALA D 107 1.66 8.43 -9.00
CA ALA D 107 1.52 9.62 -8.14
C ALA D 107 1.10 10.80 -9.00
N THR D 108 1.72 10.95 -10.16
CA THR D 108 1.50 12.12 -11.07
C THR D 108 0.06 12.06 -11.63
N GLU D 109 -0.38 10.89 -12.12
CA GLU D 109 -1.71 10.82 -12.78
C GLU D 109 -2.78 11.04 -11.71
N GLN D 110 -2.59 10.49 -10.51
CA GLN D 110 -3.52 10.69 -9.35
C GLN D 110 -3.55 12.18 -8.95
N GLY D 111 -2.39 12.84 -8.85
CA GLY D 111 -2.32 14.27 -8.44
C GLY D 111 -3.07 15.15 -9.43
N PHE D 112 -2.88 14.89 -10.72
CA PHE D 112 -3.51 15.68 -11.80
C PHE D 112 -5.00 15.38 -11.81
N ALA D 113 -5.39 14.14 -11.55
CA ALA D 113 -6.82 13.74 -11.57
C ALA D 113 -7.53 14.45 -10.41
N MET D 114 -6.82 14.77 -9.33
CA MET D 114 -7.39 15.48 -8.14
C MET D 114 -7.25 17.02 -8.28
N GLY D 115 -6.70 17.51 -9.39
CA GLY D 115 -6.76 18.92 -9.79
C GLY D 115 -5.52 19.73 -9.43
N MET D 116 -4.39 19.11 -9.11
CA MET D 116 -3.13 19.88 -8.96
C MET D 116 -2.77 20.56 -10.29
N HIS D 117 -2.21 21.76 -10.23
CA HIS D 117 -1.89 22.63 -11.39
C HIS D 117 -0.59 22.19 -12.08
N GLY D 118 0.33 21.56 -11.35
CA GLY D 118 1.63 21.15 -11.89
C GLY D 118 2.27 20.03 -11.09
N ALA D 119 3.36 19.49 -11.62
CA ALA D 119 4.17 18.42 -11.00
C ALA D 119 5.63 18.88 -11.00
N LEU D 120 6.33 18.60 -9.90
CA LEU D 120 7.80 18.68 -9.80
C LEU D 120 8.36 17.27 -9.95
N HIS D 121 9.25 17.06 -10.93
CA HIS D 121 9.90 15.77 -11.27
C HIS D 121 11.42 15.91 -11.23
N ILE D 122 12.01 15.30 -10.21
CA ILE D 122 13.48 15.14 -10.02
C ILE D 122 13.92 13.99 -10.93
N ASN D 123 15.20 13.94 -11.31
CA ASN D 123 15.81 12.75 -11.96
C ASN D 123 15.98 11.66 -10.90
N PRO D 124 15.88 10.37 -11.28
CA PRO D 124 16.09 9.29 -10.32
C PRO D 124 17.40 9.43 -9.55
N TYR D 125 17.28 9.53 -8.23
CA TYR D 125 18.38 9.61 -7.24
C TYR D 125 18.64 8.19 -6.70
N TYR D 126 19.86 7.97 -6.20
CA TYR D 126 20.34 6.74 -5.52
C TYR D 126 20.40 5.59 -6.53
N GLY D 127 19.26 5.19 -7.09
CA GLY D 127 19.17 4.33 -8.28
C GLY D 127 19.28 5.16 -9.54
N LYS D 128 20.41 5.85 -9.73
CA LYS D 128 20.61 6.70 -10.92
C LYS D 128 20.70 5.83 -12.17
N THR D 129 20.35 6.41 -13.32
CA THR D 129 20.22 5.71 -14.63
C THR D 129 21.06 6.46 -15.68
N SER D 130 21.11 5.96 -16.91
CA SER D 130 21.80 6.59 -18.07
C SER D 130 21.04 7.85 -18.52
N ILE D 131 21.62 8.63 -19.43
CA ILE D 131 20.89 9.73 -20.14
C ILE D 131 19.63 9.15 -20.80
N GLU D 132 19.77 8.04 -21.52
CA GLU D 132 18.63 7.39 -22.21
C GLU D 132 17.56 7.04 -21.18
N GLY D 133 17.92 6.44 -20.05
CA GLY D 133 16.99 6.07 -18.96
C GLY D 133 16.27 7.29 -18.40
N MET D 134 17.00 8.36 -18.12
CA MET D 134 16.47 9.64 -17.59
C MET D 134 15.36 10.19 -18.50
N ASN D 135 15.62 10.28 -19.80
CA ASN D 135 14.63 10.71 -20.82
C ASN D 135 13.42 9.75 -20.78
N ALA D 136 13.63 8.43 -20.80
CA ALA D 136 12.53 7.44 -20.81
C ALA D 136 11.64 7.67 -19.57
N HIS D 137 12.24 7.86 -18.41
CA HIS D 137 11.56 8.19 -17.13
C HIS D 137 10.68 9.44 -17.28
N PHE D 138 11.26 10.57 -17.71
CA PHE D 138 10.56 11.87 -17.80
C PHE D 138 9.42 11.77 -18.84
N GLN D 139 9.63 11.01 -19.92
CA GLN D 139 8.64 10.90 -21.02
C GLN D 139 7.37 10.20 -20.50
N THR D 140 7.46 9.34 -19.48
CA THR D 140 6.25 8.65 -18.95
C THR D 140 5.32 9.63 -18.20
N VAL D 141 5.78 10.80 -17.76
CA VAL D 141 4.98 11.73 -16.90
C VAL D 141 4.82 13.11 -17.55
N LEU D 142 5.69 13.50 -18.47
CA LEU D 142 5.69 14.86 -19.05
C LEU D 142 4.37 15.14 -19.81
N HIS D 143 3.76 14.13 -20.44
CA HIS D 143 2.48 14.28 -21.20
C HIS D 143 1.30 14.56 -20.25
N MET D 144 1.39 14.30 -18.94
CA MET D 144 0.24 14.30 -18.01
C MET D 144 -0.17 15.74 -17.60
N GLY D 145 0.73 16.72 -17.71
CA GLY D 145 0.38 18.12 -17.43
C GLY D 145 1.61 18.97 -17.18
N PRO D 146 1.43 20.26 -16.80
CA PRO D 146 2.54 21.18 -16.59
C PRO D 146 3.54 20.60 -15.59
N THR D 147 4.81 20.56 -16.00
CA THR D 147 5.88 19.82 -15.30
C THR D 147 7.08 20.74 -15.10
N ILE D 148 7.60 20.78 -13.88
CA ILE D 148 8.89 21.44 -13.55
C ILE D 148 9.93 20.35 -13.33
N ILE D 149 10.98 20.35 -14.16
CA ILE D 149 12.14 19.42 -14.00
C ILE D 149 13.03 20.00 -12.91
N TYR D 150 13.39 19.16 -11.94
CA TYR D 150 14.18 19.52 -10.73
C TYR D 150 15.59 18.94 -10.85
N ASN D 151 16.60 19.81 -11.02
CA ASN D 151 18.04 19.45 -11.04
C ASN D 151 18.67 19.88 -9.70
N VAL D 152 18.96 18.91 -8.83
CA VAL D 152 19.65 19.20 -7.55
C VAL D 152 20.74 18.14 -7.36
N PRO D 153 21.84 18.23 -8.13
CA PRO D 153 22.89 17.22 -8.13
C PRO D 153 23.59 17.05 -6.76
N GLY D 154 23.58 18.07 -5.90
CA GLY D 154 23.99 17.95 -4.49
C GLY D 154 23.20 16.89 -3.70
N ARG D 155 21.97 16.53 -4.08
CA ARG D 155 21.16 15.49 -3.38
C ARG D 155 21.05 14.23 -4.25
N THR D 156 20.83 14.37 -5.56
CA THR D 156 20.67 13.23 -6.51
C THR D 156 22.03 12.57 -6.81
N CYS D 157 23.12 13.33 -6.71
CA CYS D 157 24.46 12.91 -7.16
C CYS D 157 24.48 12.61 -8.67
N GLN D 158 23.59 13.26 -9.43
CA GLN D 158 23.58 13.20 -10.92
C GLN D 158 23.02 14.49 -11.51
N ASP D 159 23.86 15.24 -12.21
CA ASP D 159 23.51 16.48 -12.94
C ASP D 159 22.63 16.08 -14.12
N ILE D 160 21.45 16.69 -14.25
CA ILE D 160 20.64 16.63 -15.50
C ILE D 160 21.34 17.54 -16.50
N PRO D 161 22.02 16.97 -17.51
CA PRO D 161 22.77 17.80 -18.45
C PRO D 161 21.86 18.61 -19.38
N PRO D 162 22.33 19.77 -19.87
CA PRO D 162 21.56 20.59 -20.81
C PRO D 162 20.89 19.82 -21.96
N GLN D 163 21.52 18.75 -22.48
CA GLN D 163 20.96 18.01 -23.64
C GLN D 163 19.61 17.39 -23.25
N VAL D 164 19.42 16.99 -21.99
CA VAL D 164 18.12 16.38 -21.51
C VAL D 164 17.08 17.49 -21.46
N ILE D 165 17.45 18.64 -20.90
CA ILE D 165 16.55 19.82 -20.72
C ILE D 165 16.11 20.32 -22.09
N PHE D 166 17.03 20.50 -23.04
CA PHE D 166 16.70 20.98 -24.41
C PHE D 166 15.71 19.99 -25.05
N LYS D 167 15.95 18.70 -24.92
CA LYS D 167 15.04 17.66 -25.48
C LYS D 167 13.67 17.77 -24.78
N LEU D 168 13.62 17.84 -23.46
CA LEU D 168 12.31 17.88 -22.74
C LEU D 168 11.53 19.16 -23.09
N SER D 169 12.23 20.26 -23.36
CA SER D 169 11.64 21.61 -23.67
C SER D 169 10.92 21.62 -25.02
N GLN D 170 11.14 20.61 -25.88
CA GLN D 170 10.34 20.43 -27.11
C GLN D 170 8.89 20.03 -26.75
N ASN D 171 8.64 19.56 -25.53
CA ASN D 171 7.27 19.17 -25.09
C ASN D 171 6.57 20.40 -24.52
N PRO D 172 5.34 20.75 -24.98
CA PRO D 172 4.65 21.91 -24.42
C PRO D 172 4.28 21.83 -22.93
N ASN D 173 4.27 20.65 -22.30
CA ASN D 173 3.96 20.47 -20.86
C ASN D 173 5.18 20.79 -20.00
N MET D 174 6.36 20.94 -20.60
CA MET D 174 7.61 21.24 -19.87
C MET D 174 7.59 22.73 -19.48
N ALA D 175 7.17 23.03 -18.24
CA ALA D 175 6.95 24.43 -17.78
C ALA D 175 8.32 25.10 -17.68
N GLY D 176 9.27 24.44 -17.02
CA GLY D 176 10.63 24.95 -16.84
C GLY D 176 11.45 24.10 -15.88
N VAL D 177 12.50 24.69 -15.33
CA VAL D 177 13.51 23.94 -14.54
C VAL D 177 13.62 24.63 -13.18
N LYS D 178 13.56 23.84 -12.12
CA LYS D 178 14.10 24.22 -10.81
C LYS D 178 15.59 23.86 -10.82
N GLU D 179 16.47 24.87 -10.95
CA GLU D 179 17.91 24.64 -11.18
C GLU D 179 18.72 25.02 -9.94
N CYS D 180 19.60 24.14 -9.46
CA CYS D 180 20.45 24.37 -8.26
C CYS D 180 21.95 24.42 -8.60
N VAL D 181 22.32 24.28 -9.86
CA VAL D 181 23.75 24.21 -10.25
C VAL D 181 24.43 25.58 -10.17
N GLY D 182 23.72 26.68 -10.42
CA GLY D 182 24.35 28.00 -10.37
C GLY D 182 23.86 28.91 -11.47
N ASN D 183 24.26 30.17 -11.44
CA ASN D 183 23.79 31.17 -12.44
C ASN D 183 24.26 30.82 -13.86
N ASN D 184 25.41 30.19 -14.02
CA ASN D 184 25.89 29.83 -15.37
C ASN D 184 24.89 28.87 -16.02
N ARG D 185 24.44 27.85 -15.29
CA ARG D 185 23.47 26.86 -15.84
C ARG D 185 22.13 27.56 -16.06
N VAL D 186 21.71 28.39 -15.09
CA VAL D 186 20.49 29.22 -15.20
C VAL D 186 20.53 29.97 -16.54
N GLU D 187 21.65 30.65 -16.83
CA GLU D 187 21.76 31.51 -18.05
C GLU D 187 21.78 30.62 -19.30
N GLU D 188 22.28 29.39 -19.24
CA GLU D 188 22.29 28.47 -20.40
C GLU D 188 20.83 28.20 -20.85
N TYR D 189 19.88 28.17 -19.92
CA TYR D 189 18.45 27.93 -20.23
C TYR D 189 17.72 29.24 -20.54
N THR D 190 17.89 30.29 -19.73
CA THR D 190 17.08 31.54 -19.84
C THR D 190 17.42 32.29 -21.13
N GLU D 191 18.64 32.11 -21.64
CA GLU D 191 19.11 32.77 -22.89
C GLU D 191 18.40 32.16 -24.09
N LYS D 192 17.92 30.90 -23.98
CA LYS D 192 17.15 30.20 -25.03
C LYS D 192 15.63 30.32 -24.77
N GLY D 193 15.23 31.00 -23.69
CA GLY D 193 13.81 31.25 -23.37
C GLY D 193 13.16 30.08 -22.65
N ILE D 194 13.95 29.17 -22.06
CA ILE D 194 13.45 28.13 -21.13
C ILE D 194 13.29 28.79 -19.76
N VAL D 195 12.13 28.62 -19.11
CA VAL D 195 11.81 29.29 -17.82
C VAL D 195 12.63 28.60 -16.73
N VAL D 196 13.33 29.38 -15.89
CA VAL D 196 14.12 28.84 -14.76
C VAL D 196 13.67 29.50 -13.44
N TRP D 197 13.39 28.66 -12.44
CA TRP D 197 13.30 29.05 -11.02
C TRP D 197 14.60 28.62 -10.36
N SER D 198 15.29 29.54 -9.67
CA SER D 198 16.40 29.19 -8.75
C SER D 198 15.88 28.28 -7.62
N GLY D 199 16.62 27.21 -7.36
CA GLY D 199 16.43 26.35 -6.17
C GLY D 199 17.32 26.79 -5.01
N ASN D 200 18.11 27.85 -5.18
CA ASN D 200 19.10 28.32 -4.18
C ASN D 200 18.70 29.71 -3.68
N ASP D 201 18.12 29.78 -2.49
CA ASP D 201 17.69 31.04 -1.84
C ASP D 201 18.82 32.09 -1.85
N ASP D 202 20.07 31.68 -1.57
CA ASP D 202 21.20 32.65 -1.48
C ASP D 202 21.69 33.07 -2.88
N GLN D 203 21.15 32.51 -3.96
CA GLN D 203 21.49 32.95 -5.35
C GLN D 203 20.28 33.60 -6.04
N CYS D 204 19.08 33.41 -5.52
CA CYS D 204 17.85 33.70 -6.29
C CYS D 204 17.75 35.19 -6.63
N HIS D 205 18.23 36.11 -5.78
CA HIS D 205 18.18 37.57 -6.07
C HIS D 205 18.95 37.87 -7.36
N ASP D 206 20.22 37.47 -7.41
CA ASP D 206 21.12 37.60 -8.59
C ASP D 206 20.57 36.79 -9.79
N SER D 207 20.10 35.55 -9.60
CA SER D 207 19.50 34.73 -10.68
C SER D 207 18.34 35.52 -11.33
N ARG D 208 17.49 36.11 -10.49
CA ARG D 208 16.25 36.81 -10.91
C ARG D 208 16.56 38.07 -11.73
N TRP D 209 17.47 38.92 -11.28
CA TRP D 209 17.68 40.28 -11.85
C TRP D 209 18.81 40.34 -12.88
N ASP D 210 19.75 39.40 -12.84
CA ASP D 210 21.00 39.44 -13.66
C ASP D 210 21.14 38.22 -14.58
N HIS D 211 20.38 37.12 -14.42
CA HIS D 211 20.55 35.85 -15.20
C HIS D 211 19.24 35.32 -15.79
N GLY D 212 18.17 36.12 -15.79
CA GLY D 212 16.92 35.85 -16.51
C GLY D 212 16.01 34.84 -15.82
N ALA D 213 16.27 34.45 -14.57
CA ALA D 213 15.41 33.51 -13.81
C ALA D 213 14.04 34.19 -13.58
N THR D 214 12.95 33.44 -13.66
CA THR D 214 11.58 33.97 -13.44
C THR D 214 11.36 34.24 -11.94
N GLY D 215 11.96 33.43 -11.09
CA GLY D 215 11.85 33.62 -9.64
C GLY D 215 12.50 32.48 -8.90
N VAL D 216 11.85 32.04 -7.82
CA VAL D 216 12.46 31.13 -6.83
C VAL D 216 11.42 30.07 -6.43
N ILE D 217 11.88 28.84 -6.26
CA ILE D 217 11.15 27.80 -5.50
C ILE D 217 11.88 27.71 -4.17
N SER D 218 11.27 28.28 -3.11
CA SER D 218 11.97 28.82 -1.93
C SER D 218 11.69 28.02 -0.65
N VAL D 219 12.72 27.88 0.18
CA VAL D 219 12.64 27.41 1.59
C VAL D 219 12.43 28.63 2.50
N THR D 220 13.24 29.66 2.31
CA THR D 220 13.26 30.90 3.14
C THR D 220 11.85 31.51 3.17
N SER D 221 11.08 31.43 2.09
CA SER D 221 9.71 31.98 2.03
C SER D 221 8.81 31.32 3.10
N ASN D 222 9.17 30.14 3.62
CA ASN D 222 8.45 29.54 4.77
C ASN D 222 8.53 30.50 5.98
N LEU D 223 9.62 31.25 6.12
CA LEU D 223 9.85 32.14 7.30
C LEU D 223 9.42 33.58 6.96
N VAL D 224 9.91 34.12 5.83
CA VAL D 224 9.78 35.58 5.49
C VAL D 224 9.20 35.73 4.08
N PRO D 225 7.95 35.25 3.86
CA PRO D 225 7.34 35.28 2.54
C PRO D 225 7.21 36.69 1.95
N GLY D 226 6.88 37.68 2.78
CA GLY D 226 6.78 39.10 2.38
C GLY D 226 8.06 39.61 1.76
N LEU D 227 9.19 39.31 2.39
CA LEU D 227 10.55 39.77 1.99
C LEU D 227 11.00 39.06 0.71
N MET D 228 10.75 37.76 0.60
CA MET D 228 11.04 36.98 -0.63
C MET D 228 10.19 37.52 -1.79
N ARG D 229 8.92 37.85 -1.57
CA ARG D 229 8.09 38.42 -2.66
C ARG D 229 8.72 39.74 -3.13
N LYS D 230 9.15 40.57 -2.18
CA LYS D 230 9.74 41.90 -2.48
C LYS D 230 11.02 41.69 -3.30
N LEU D 231 11.85 40.74 -2.89
CA LEU D 231 13.09 40.37 -3.61
C LEU D 231 12.80 40.00 -5.08
N MET D 232 11.67 39.37 -5.35
CA MET D 232 11.37 38.78 -6.69
C MET D 232 10.58 39.76 -7.57
N PHE D 233 9.98 40.83 -7.03
CA PHE D 233 9.09 41.72 -7.80
C PHE D 233 9.59 43.18 -7.90
N GLU D 234 10.26 43.73 -6.89
CA GLU D 234 10.41 45.21 -6.71
C GLU D 234 11.82 45.68 -7.10
N GLY D 235 12.58 44.87 -7.85
CA GLY D 235 13.85 45.26 -8.49
C GLY D 235 15.04 44.85 -7.64
N ARG D 236 16.25 45.13 -8.14
CA ARG D 236 17.52 44.85 -7.43
C ARG D 236 17.43 45.54 -6.07
N ASN D 237 17.79 44.82 -5.01
CA ASN D 237 17.87 45.34 -3.63
C ASN D 237 18.94 44.49 -2.95
N SER D 238 20.19 44.83 -3.22
CA SER D 238 21.41 44.22 -2.63
C SER D 238 21.39 44.36 -1.11
N ALA D 239 20.82 45.46 -0.59
CA ALA D 239 20.69 45.73 0.86
C ALA D 239 19.84 44.62 1.50
N LEU D 240 18.65 44.39 0.97
CA LEU D 240 17.66 43.43 1.53
C LEU D 240 18.19 42.01 1.39
N ASN D 241 18.87 41.72 0.27
CA ASN D 241 19.47 40.39 -0.02
C ASN D 241 20.59 40.10 0.99
N ALA D 242 21.43 41.10 1.33
CA ALA D 242 22.53 40.98 2.33
C ALA D 242 21.93 40.80 3.74
N LYS D 243 20.90 41.57 4.07
CA LYS D 243 20.17 41.48 5.37
C LYS D 243 19.66 40.04 5.60
N LEU D 244 19.29 39.33 4.52
CA LEU D 244 18.71 37.95 4.61
C LEU D 244 19.80 36.89 4.60
N LEU D 245 21.01 37.22 4.17
CA LEU D 245 22.07 36.20 3.95
C LEU D 245 22.35 35.44 5.26
N PRO D 246 22.45 36.11 6.43
CA PRO D 246 22.67 35.40 7.70
C PRO D 246 21.58 34.36 8.00
N LEU D 247 20.30 34.71 7.76
CA LEU D 247 19.15 33.78 7.93
C LEU D 247 19.31 32.57 6.98
N MET D 248 19.59 32.80 5.70
CA MET D 248 19.77 31.69 4.72
C MET D 248 20.95 30.81 5.14
N ASP D 249 22.03 31.40 5.68
CA ASP D 249 23.23 30.62 6.11
C ASP D 249 22.85 29.74 7.31
N TRP D 250 22.06 30.29 8.23
CA TRP D 250 21.53 29.55 9.40
C TRP D 250 20.66 28.37 8.91
N LEU D 251 19.77 28.61 7.94
CA LEU D 251 18.77 27.61 7.47
C LEU D 251 19.44 26.42 6.78
N PHE D 252 20.67 26.57 6.28
CA PHE D 252 21.34 25.52 5.45
C PHE D 252 22.66 25.05 6.09
N GLN D 253 22.95 25.38 7.35
CA GLN D 253 24.17 24.90 8.04
C GLN D 253 24.08 23.37 8.22
N GLU D 254 22.88 22.82 8.41
CA GLU D 254 22.58 21.37 8.29
C GLU D 254 21.64 21.16 7.11
N PRO D 255 21.50 19.93 6.58
CA PRO D 255 20.62 19.72 5.43
C PRO D 255 19.16 20.11 5.71
N ASN D 256 18.61 20.93 4.82
CA ASN D 256 17.16 21.28 4.75
C ASN D 256 16.38 19.97 4.74
N PRO D 257 15.26 19.82 5.49
CA PRO D 257 14.62 20.89 6.26
C PRO D 257 14.85 20.95 7.79
N ILE D 258 16.03 20.59 8.29
CA ILE D 258 16.36 20.64 9.75
C ILE D 258 16.22 22.10 10.21
N GLY D 259 16.85 23.05 9.54
CA GLY D 259 16.72 24.49 9.83
C GLY D 259 15.27 24.94 9.88
N VAL D 260 14.52 24.80 8.78
CA VAL D 260 13.15 25.37 8.67
C VAL D 260 12.27 24.68 9.73
N ASN D 261 12.40 23.35 9.89
CA ASN D 261 11.63 22.58 10.90
C ASN D 261 11.85 23.21 12.30
N THR D 262 13.11 23.47 12.67
CA THR D 262 13.50 24.09 13.96
C THR D 262 12.91 25.50 14.06
N ALA D 263 13.12 26.33 13.03
CA ALA D 263 12.70 27.75 13.03
C ALA D 263 11.17 27.85 13.21
N LEU D 264 10.39 26.99 12.57
CA LEU D 264 8.90 27.13 12.56
C LEU D 264 8.35 26.75 13.95
N ALA D 265 9.04 25.86 14.68
CA ALA D 265 8.70 25.50 16.09
C ALA D 265 9.05 26.67 17.00
N GLN D 266 10.24 27.27 16.82
CA GLN D 266 10.69 28.47 17.57
C GLN D 266 9.70 29.61 17.32
N LEU D 267 9.14 29.74 16.12
CA LEU D 267 8.18 30.83 15.79
C LEU D 267 6.77 30.46 16.27
N GLY D 268 6.55 29.20 16.67
CA GLY D 268 5.28 28.72 17.23
C GLY D 268 4.21 28.40 16.20
N VAL D 269 4.54 28.16 14.92
CA VAL D 269 3.55 27.93 13.82
C VAL D 269 3.49 26.44 13.45
N ALA D 270 4.41 25.62 13.97
CA ALA D 270 4.38 24.14 13.90
C ALA D 270 4.84 23.61 15.24
N ARG D 271 4.36 22.43 15.63
CA ARG D 271 4.80 21.76 16.87
C ARG D 271 6.26 21.33 16.69
N PRO D 272 7.04 21.28 17.79
CA PRO D 272 8.42 20.81 17.72
C PRO D 272 8.47 19.28 17.60
N VAL D 273 7.84 18.74 16.55
CA VAL D 273 7.78 17.28 16.26
C VAL D 273 8.53 17.01 14.95
N PHE D 274 9.50 16.09 14.99
CA PHE D 274 10.36 15.66 13.87
C PHE D 274 10.13 14.19 13.54
N ARG D 275 9.93 13.86 12.26
CA ARG D 275 10.02 12.48 11.73
C ARG D 275 11.51 12.18 11.47
N LEU D 276 12.04 11.11 12.05
CA LEU D 276 13.45 10.72 11.80
C LEU D 276 13.56 10.40 10.30
N PRO D 277 14.73 10.58 9.66
CA PRO D 277 16.01 10.80 10.36
C PRO D 277 16.42 12.25 10.62
N TYR D 278 15.47 13.19 10.61
CA TYR D 278 15.73 14.62 10.88
C TYR D 278 15.65 14.87 12.40
N VAL D 279 16.59 15.64 12.94
CA VAL D 279 16.59 16.08 14.37
C VAL D 279 16.87 17.59 14.38
N PRO D 280 16.32 18.31 15.38
CA PRO D 280 16.41 19.77 15.42
C PRO D 280 17.87 20.23 15.54
N LEU D 281 18.12 21.49 15.18
CA LEU D 281 19.40 22.16 15.48
C LEU D 281 19.54 22.27 16.99
N PRO D 282 20.79 22.17 17.52
CA PRO D 282 21.01 22.22 18.97
C PRO D 282 20.81 23.61 19.57
N LEU D 283 20.80 23.67 20.90
CA LEU D 283 20.40 24.85 21.71
C LEU D 283 21.12 26.12 21.23
N SER D 284 22.44 26.04 20.98
CA SER D 284 23.28 27.23 20.67
C SER D 284 22.81 27.83 19.34
N LYS D 285 22.33 26.98 18.42
CA LYS D 285 21.75 27.40 17.12
C LYS D 285 20.39 28.07 17.34
N ARG D 286 19.56 27.52 18.20
CA ARG D 286 18.21 28.09 18.49
C ARG D 286 18.37 29.48 19.13
N ILE D 287 19.40 29.69 19.96
CA ILE D 287 19.73 31.02 20.53
C ILE D 287 20.10 31.95 19.38
N GLU D 288 21.00 31.50 18.46
CA GLU D 288 21.42 32.25 17.24
CA GLU D 288 21.42 32.30 17.28
C GLU D 288 20.17 32.70 16.47
N PHE D 289 19.17 31.81 16.33
CA PHE D 289 17.92 32.09 15.56
C PHE D 289 17.18 33.26 16.19
N VAL D 290 16.99 33.24 17.52
CA VAL D 290 16.31 34.35 18.26
C VAL D 290 16.99 35.68 17.93
N LYS D 291 18.33 35.69 17.88
CA LYS D 291 19.15 36.89 17.57
C LYS D 291 18.87 37.33 16.12
N LEU D 292 18.80 36.39 15.17
CA LEU D 292 18.55 36.68 13.73
C LEU D 292 17.15 37.28 13.59
N VAL D 293 16.16 36.73 14.30
CA VAL D 293 14.75 37.22 14.22
C VAL D 293 14.70 38.68 14.65
N LYS D 294 15.48 39.06 15.67
CA LYS D 294 15.53 40.43 16.26
C LYS D 294 16.26 41.39 15.31
N GLU D 295 17.34 40.97 14.67
CA GLU D 295 18.09 41.77 13.65
C GLU D 295 17.15 42.15 12.48
N ILE D 296 16.38 41.19 11.95
CA ILE D 296 15.48 41.40 10.78
C ILE D 296 14.18 42.05 11.25
N GLY D 297 13.62 41.58 12.37
CA GLY D 297 12.33 42.05 12.92
C GLY D 297 11.27 40.96 12.86
N ARG D 298 10.81 40.51 14.03
CA ARG D 298 9.78 39.46 14.25
C ARG D 298 8.57 39.69 13.33
N GLU D 299 8.22 40.95 13.05
CA GLU D 299 6.99 41.27 12.26
C GLU D 299 7.14 40.73 10.82
N HIS D 300 8.37 40.50 10.33
CA HIS D 300 8.62 39.96 8.96
C HIS D 300 8.51 38.43 8.93
N PHE D 301 8.47 37.76 10.07
CA PHE D 301 8.38 36.27 10.17
C PHE D 301 6.91 35.87 10.36
N VAL D 302 6.57 34.67 9.88
CA VAL D 302 5.24 34.04 10.08
C VAL D 302 4.95 33.88 11.58
N GLY D 303 3.67 33.85 11.94
CA GLY D 303 3.17 33.64 13.32
C GLY D 303 3.10 34.95 14.09
N ASP D 304 2.37 34.95 15.22
CA ASP D 304 2.21 36.11 16.14
C ASP D 304 2.95 35.87 17.46
N ARG D 305 3.04 34.62 17.93
CA ARG D 305 3.69 34.27 19.22
C ARG D 305 5.13 34.77 19.21
N ASP D 306 5.65 35.19 20.37
CA ASP D 306 7.07 35.61 20.54
C ASP D 306 7.94 34.41 20.18
N VAL D 307 9.04 34.66 19.48
CA VAL D 307 9.95 33.56 19.09
C VAL D 307 10.52 32.97 20.38
N GLN D 308 10.55 31.65 20.49
CA GLN D 308 11.08 30.99 21.70
C GLN D 308 12.38 30.31 21.37
N VAL D 309 13.20 30.07 22.37
CA VAL D 309 14.48 29.34 22.14
C VAL D 309 14.15 27.84 22.06
N LEU D 310 13.31 27.36 22.99
CA LEU D 310 12.85 25.96 23.22
C LEU D 310 13.90 25.10 23.92
N ASP D 311 13.46 24.24 24.85
CA ASP D 311 14.37 23.34 25.58
C ASP D 311 14.55 22.08 24.73
N ASP D 312 15.69 21.42 24.87
CA ASP D 312 15.98 20.19 24.11
C ASP D 312 14.83 19.19 24.24
N ASP D 313 14.25 19.10 25.43
CA ASP D 313 13.21 18.09 25.76
C ASP D 313 11.82 18.57 25.34
N ASP D 314 11.68 19.77 24.74
CA ASP D 314 10.43 20.22 24.08
C ASP D 314 10.21 19.44 22.76
N PHE D 315 11.28 18.91 22.15
CA PHE D 315 11.25 18.26 20.82
C PHE D 315 10.92 16.77 20.93
N ILE D 316 10.02 16.28 20.09
CA ILE D 316 9.61 14.85 19.99
C ILE D 316 10.17 14.26 18.67
N LEU D 317 10.89 13.14 18.75
CA LEU D 317 11.45 12.41 17.58
C LEU D 317 10.61 11.15 17.34
N ILE D 318 10.00 11.01 16.17
CA ILE D 318 9.11 9.86 15.84
C ILE D 318 9.85 8.98 14.83
N GLY D 319 9.95 7.68 15.14
CA GLY D 319 10.49 6.63 14.26
C GLY D 319 9.38 5.91 13.54
N ARG D 320 8.29 5.58 14.24
CA ARG D 320 7.15 4.77 13.71
C ARG D 320 5.94 5.68 13.46
N TYR D 321 5.98 6.43 12.33
CA TYR D 321 4.94 7.39 11.88
C TYR D 321 4.15 6.74 10.71
#